data_6LHJ
#
_entry.id   6LHJ
#
_cell.length_a   57.277
_cell.length_b   156.483
_cell.length_c   164.449
_cell.angle_alpha   90.000
_cell.angle_beta   90.000
_cell.angle_gamma   90.000
#
_symmetry.space_group_name_H-M   'P 21 21 21'
#
loop_
_entity.id
_entity.type
_entity.pdbx_description
1 polymer 'Bifunctional dihydrofolate reductase-thymidylate synthase'
2 non-polymer 1-[3-(2-chloranyl-4-fluoranyl-phenoxy)propoxy]-6,6-dimethyl-1,3,5-triazine-2,4-diamine
3 non-polymer 'NADPH DIHYDRO-NICOTINAMIDE-ADENINE-DINUCLEOTIDE PHOSPHATE'
4 non-polymer "2'-DEOXYURIDINE 5'-MONOPHOSPHATE"
5 non-polymer GLYCEROL
6 water water
#
_entity_poly.entity_id   1
_entity_poly.type   'polypeptide(L)'
_entity_poly.pdbx_seq_one_letter_code
;MMEQVCDVFDIYAICACCKVESKNEGKKNEVFNNYTFRGLGNKGVLPWKCISLDMKYFRAVTTYVNESKYEKLKYKRCKY
LNKETVDNVNDMPNSKKLQNVVVMGRTNWESIPKKFKPLSNRINVILSRTLKKEDFDEDVYIINKVEDLIVLLGKLNYYK
CFILGGSVVYQEFLEKKLIKKIYFTRINSTYECDVFFPEINENEYQIISVSDVYTSNNTTLDFIIYKKTNNKMLNEQNCI
KGEEKNNDMPLKNDDKDTCHMKKLTEFYKNVDKYKINYENDDDDEEEDDFVYFNFNKEKEEKNKNSIHPNDFQIYNSLKY
KYHPEYQYLNIIYDIMMNGNKQSDRTGVGVLSKFGYIMKFDLSQYFPLLTTKKLFLRGIIEELLWFIRGETNGNTLLNKN
VRIWEANGTREFLDNRKLFHREVNDLGPIYGFQWRHFGAEYTNMYDNYENKGVDQLKNIINLIKNDPTSRRILLCAWNVK
DLDQMALPPCHILCQFYVFDGKLSCIMYQRSCDLGLGVPFNIASYSIFTHMIAQVCNLQPAQFIHVLGNAHVYNNHIDSL
KIQLNRIPYPFPTLKLNPDIKNIEDFTISDFTIQNYVHHEKISMDMAA
;
_entity_poly.pdbx_strand_id   A,B
#
# COMPACT_ATOMS: atom_id res chain seq x y z
N MET A 1 -19.31 33.90 11.77
CA MET A 1 -17.95 34.45 12.14
C MET A 1 -17.93 35.97 11.90
N MET A 2 -17.24 36.72 12.78
CA MET A 2 -16.75 38.12 12.53
C MET A 2 -15.34 38.06 11.93
N GLU A 3 -15.23 37.86 10.61
CA GLU A 3 -13.99 37.42 9.89
C GLU A 3 -12.76 38.02 10.58
N GLN A 4 -11.74 37.19 10.81
CA GLN A 4 -10.47 37.61 11.49
C GLN A 4 -9.40 38.01 10.45
N VAL A 5 -8.56 38.97 10.84
CA VAL A 5 -7.57 39.61 9.92
C VAL A 5 -6.66 38.52 9.34
N CYS A 6 -6.21 37.56 10.16
CA CYS A 6 -5.29 36.46 9.74
C CYS A 6 -5.93 35.61 8.63
N ASP A 7 -7.26 35.43 8.65
CA ASP A 7 -7.99 34.52 7.71
C ASP A 7 -8.29 35.33 6.43
N VAL A 8 -8.58 36.61 6.59
CA VAL A 8 -8.93 37.45 5.41
C VAL A 8 -7.68 37.61 4.55
N PHE A 9 -6.55 37.85 5.20
CA PHE A 9 -5.29 38.25 4.53
C PHE A 9 -4.34 37.06 4.37
N ASP A 10 -4.75 35.88 4.83
CA ASP A 10 -3.98 34.61 4.72
C ASP A 10 -2.52 34.85 5.16
N ILE A 11 -2.34 35.23 6.42
CA ILE A 11 -1.02 35.48 7.05
C ILE A 11 -0.55 34.18 7.71
N TYR A 12 0.59 33.65 7.23
CA TYR A 12 1.22 32.40 7.73
C TYR A 12 2.62 32.73 8.20
N ALA A 13 3.13 32.03 9.21
CA ALA A 13 4.56 32.08 9.61
C ALA A 13 5.28 30.86 9.05
N ILE A 14 6.53 31.03 8.63
CA ILE A 14 7.42 29.90 8.25
C ILE A 14 8.74 30.09 8.99
N CYS A 15 9.24 29.04 9.59
CA CYS A 15 10.48 29.07 10.41
C CYS A 15 11.21 27.73 10.26
N ALA A 16 12.47 27.68 10.69
CA ALA A 16 13.21 26.45 10.97
C ALA A 16 13.81 26.55 12.38
N CYS A 17 13.62 25.52 13.21
CA CYS A 17 14.14 25.49 14.61
C CYS A 17 14.99 24.22 14.85
N CYS A 18 16.24 24.42 15.27
CA CYS A 18 17.17 23.37 15.76
C CYS A 18 17.02 23.24 17.27
N LYS A 19 17.75 22.30 17.87
CA LYS A 19 17.79 22.12 19.34
C LYS A 19 18.95 22.97 19.86
N VAL A 20 18.98 23.20 21.18
CA VAL A 20 19.88 24.21 21.82
C VAL A 20 20.66 23.61 23.00
N GLU A 21 21.82 24.18 23.34
CA GLU A 21 22.84 23.66 24.30
C GLU A 21 22.22 23.36 25.70
N SER A 22 21.75 24.36 26.45
CA SER A 22 20.91 24.23 27.68
C SER A 22 21.66 23.56 28.86
N LYS A 23 22.95 23.89 29.08
CA LYS A 23 23.87 23.28 30.07
C LYS A 23 24.00 21.75 29.82
N ASN A 24 24.38 21.37 28.58
CA ASN A 24 24.49 19.99 28.00
C ASN A 24 23.07 19.38 27.73
N GLU A 25 22.01 20.15 28.01
CA GLU A 25 20.58 19.75 27.99
C GLU A 25 20.37 18.53 28.92
N GLY A 26 20.33 18.76 30.26
CA GLY A 26 20.17 17.72 31.30
C GLY A 26 21.29 16.68 31.25
N LYS A 27 21.29 15.85 30.17
CA LYS A 27 22.31 14.84 29.74
C LYS A 27 21.72 13.41 29.87
N LYS A 28 21.06 12.87 28.83
CA LYS A 28 20.65 11.44 28.68
C LYS A 28 19.36 11.09 29.46
N ASN A 29 19.13 11.73 30.61
CA ASN A 29 17.85 11.69 31.38
C ASN A 29 16.88 12.74 30.80
N GLU A 30 17.18 13.26 29.60
CA GLU A 30 16.58 14.51 29.06
C GLU A 30 15.10 14.24 28.71
N VAL A 31 14.23 15.20 29.04
CA VAL A 31 12.79 15.25 28.63
C VAL A 31 12.75 15.98 27.30
N PHE A 32 11.97 15.49 26.34
CA PHE A 32 11.73 16.15 25.04
C PHE A 32 10.26 16.57 24.92
N ASN A 33 10.00 17.71 24.30
CA ASN A 33 8.66 18.23 23.92
C ASN A 33 8.79 19.12 22.66
N ASN A 34 7.70 19.67 22.14
CA ASN A 34 7.72 20.46 20.87
C ASN A 34 8.67 21.63 21.07
N TYR A 35 8.77 22.13 22.30
CA TYR A 35 9.68 23.24 22.68
C TYR A 35 11.15 22.79 22.63
N THR A 36 11.46 21.51 22.35
CA THR A 36 12.86 21.02 22.18
C THR A 36 13.49 21.74 20.98
N PHE A 37 12.70 21.91 19.91
CA PHE A 37 13.10 22.57 18.64
C PHE A 37 12.68 24.03 18.75
N ARG A 38 13.63 24.90 19.09
CA ARG A 38 13.29 26.30 19.41
C ARG A 38 14.38 27.23 18.92
N GLY A 39 15.56 26.73 18.53
CA GLY A 39 16.71 27.56 18.15
C GLY A 39 16.50 28.18 16.77
N LEU A 40 16.49 29.53 16.67
CA LEU A 40 16.25 30.29 15.41
C LEU A 40 17.55 30.83 14.85
N GLY A 41 18.40 31.37 15.71
CA GLY A 41 19.48 32.29 15.29
C GLY A 41 20.63 32.36 16.29
N ASN A 42 21.79 32.75 15.78
CA ASN A 42 23.02 33.01 16.54
C ASN A 42 23.77 34.15 15.84
N LYS A 43 23.98 35.27 16.56
CA LYS A 43 24.93 36.35 16.17
C LYS A 43 24.49 36.94 14.85
N GLY A 44 23.20 37.23 14.76
CA GLY A 44 22.49 37.82 13.60
C GLY A 44 22.49 36.96 12.35
N VAL A 45 22.92 35.67 12.41
CA VAL A 45 22.80 34.73 11.27
C VAL A 45 22.10 33.44 11.73
N LEU A 46 21.92 32.50 10.79
CA LEU A 46 21.33 31.18 11.12
C LEU A 46 22.37 30.39 11.93
N PRO A 47 21.92 29.49 12.83
CA PRO A 47 22.85 28.76 13.71
C PRO A 47 23.67 27.67 12.97
N TRP A 48 23.25 27.33 11.77
CA TRP A 48 23.85 26.25 10.93
C TRP A 48 24.32 26.89 9.61
N LYS A 49 25.33 26.27 8.96
CA LYS A 49 26.00 26.83 7.76
C LYS A 49 25.02 26.77 6.59
N CYS A 50 24.63 25.57 6.14
CA CYS A 50 23.70 25.34 5.01
C CYS A 50 22.91 24.07 5.26
N ILE A 51 21.59 24.19 5.29
CA ILE A 51 20.70 23.01 5.19
C ILE A 51 19.85 23.21 3.94
N SER A 52 20.38 22.73 2.81
CA SER A 52 19.85 23.05 1.47
C SER A 52 18.39 22.58 1.35
N LEU A 53 18.04 21.45 1.95
CA LEU A 53 16.65 20.95 1.80
C LEU A 53 15.68 21.90 2.48
N ASP A 54 16.07 22.47 3.63
CA ASP A 54 15.21 23.48 4.28
C ASP A 54 15.05 24.69 3.35
N MET A 55 16.14 25.11 2.73
CA MET A 55 16.22 26.31 1.86
C MET A 55 15.29 26.08 0.68
N LYS A 56 15.27 24.86 0.16
CA LYS A 56 14.47 24.51 -1.03
C LYS A 56 12.99 24.43 -0.63
N TYR A 57 12.70 23.91 0.56
CA TYR A 57 11.33 23.89 1.15
C TYR A 57 10.78 25.32 1.28
N PHE A 58 11.55 26.16 1.96
CA PHE A 58 11.20 27.57 2.28
C PHE A 58 10.89 28.35 0.99
N ARG A 59 11.68 28.15 -0.05
CA ARG A 59 11.53 28.84 -1.35
C ARG A 59 10.24 28.35 -2.03
N ALA A 60 10.04 27.04 -2.10
CA ALA A 60 8.88 26.44 -2.80
C ALA A 60 7.61 26.91 -2.11
N VAL A 61 7.53 26.82 -0.78
CA VAL A 61 6.31 27.25 -0.02
C VAL A 61 6.05 28.74 -0.26
N THR A 62 7.07 29.58 -0.09
CA THR A 62 6.89 31.05 -0.14
C THR A 62 6.73 31.55 -1.57
N THR A 63 7.09 30.79 -2.61
CA THR A 63 6.93 31.28 -4.01
C THR A 63 5.61 30.76 -4.58
N TYR A 64 5.13 29.57 -4.16
CA TYR A 64 3.98 28.85 -4.78
C TYR A 64 2.70 29.68 -4.68
N VAL A 65 1.96 29.77 -5.78
CA VAL A 65 0.64 30.46 -5.86
C VAL A 65 -0.24 29.60 -6.77
N ASN A 66 -1.55 29.72 -6.58
CA ASN A 66 -2.58 29.08 -7.42
C ASN A 66 -3.52 30.18 -7.91
N GLU A 67 -3.39 30.54 -9.19
CA GLU A 67 -4.09 31.68 -9.82
C GLU A 67 -5.60 31.47 -9.67
N SER A 68 -6.08 30.26 -9.95
CA SER A 68 -7.53 30.01 -10.07
C SER A 68 -8.21 30.36 -8.73
N LYS A 69 -7.47 30.22 -7.64
CA LYS A 69 -7.98 30.50 -6.28
C LYS A 69 -7.82 32.00 -5.91
N TYR A 70 -7.38 32.87 -6.82
CA TYR A 70 -7.29 34.32 -6.51
C TYR A 70 -8.71 34.90 -6.44
N GLU A 71 -9.54 34.66 -7.46
CA GLU A 71 -10.95 35.14 -7.53
C GLU A 71 -11.59 35.10 -6.13
N LYS A 72 -11.60 33.93 -5.50
CA LYS A 72 -12.29 33.72 -4.19
C LYS A 72 -11.59 34.56 -3.10
N LEU A 73 -10.27 34.74 -3.18
CA LEU A 73 -9.47 35.49 -2.17
C LEU A 73 -9.71 36.99 -2.34
N LYS A 74 -9.75 37.49 -3.58
CA LYS A 74 -10.01 38.94 -3.84
C LYS A 74 -11.41 39.30 -3.33
N TYR A 75 -12.41 38.48 -3.65
CA TYR A 75 -13.82 38.66 -3.20
C TYR A 75 -13.86 38.80 -1.67
N LYS A 76 -13.28 37.83 -0.95
CA LYS A 76 -13.24 37.77 0.54
C LYS A 76 -12.62 39.06 1.10
N ARG A 77 -11.45 39.42 0.61
CA ARG A 77 -10.70 40.62 1.06
C ARG A 77 -11.51 41.87 0.72
N CYS A 78 -12.05 41.96 -0.50
CA CYS A 78 -12.86 43.13 -0.95
C CYS A 78 -14.12 43.23 -0.08
N LYS A 79 -14.87 42.13 0.06
CA LYS A 79 -16.03 42.04 0.99
C LYS A 79 -15.61 42.65 2.34
N TYR A 80 -14.55 42.13 2.96
CA TYR A 80 -14.08 42.52 4.32
C TYR A 80 -13.85 44.03 4.40
N LEU A 81 -13.24 44.65 3.39
CA LEU A 81 -12.93 46.12 3.38
C LEU A 81 -14.15 46.94 2.92
N ASN A 82 -15.34 46.32 2.86
CA ASN A 82 -16.61 46.84 2.28
C ASN A 82 -16.28 47.68 1.05
N LYS A 83 -15.78 46.99 0.01
CA LYS A 83 -15.36 47.49 -1.32
C LYS A 83 -16.09 46.69 -2.41
N GLU A 84 -16.24 47.27 -3.60
CA GLU A 84 -16.94 46.64 -4.77
C GLU A 84 -16.33 45.25 -5.02
N THR A 85 -15.21 45.17 -5.78
CA THR A 85 -14.45 43.93 -6.13
C THR A 85 -13.18 44.33 -6.90
N LYS A 96 1.10 41.76 -14.57
CA LYS A 96 1.99 41.20 -13.51
C LYS A 96 1.56 39.76 -13.20
N LYS A 97 2.51 38.91 -12.74
CA LYS A 97 2.31 37.50 -12.30
C LYS A 97 1.97 37.46 -10.80
N LEU A 98 0.88 36.82 -10.39
CA LEU A 98 0.45 36.74 -8.97
C LEU A 98 1.60 36.19 -8.12
N GLN A 99 1.90 36.84 -7.00
CA GLN A 99 3.06 36.49 -6.14
C GLN A 99 2.56 36.47 -4.68
N ASN A 100 3.30 35.79 -3.79
CA ASN A 100 3.15 35.91 -2.32
C ASN A 100 3.92 37.13 -1.84
N VAL A 101 3.52 37.61 -0.66
CA VAL A 101 4.20 38.67 0.13
C VAL A 101 4.97 37.95 1.23
N VAL A 102 6.17 38.44 1.54
CA VAL A 102 7.05 37.90 2.60
C VAL A 102 7.51 39.10 3.42
N VAL A 103 7.44 38.97 4.73
CA VAL A 103 7.68 40.06 5.70
C VAL A 103 8.88 39.64 6.54
N MET A 104 9.84 40.52 6.69
CA MET A 104 11.11 40.23 7.38
C MET A 104 11.39 41.37 8.34
N GLY A 105 11.82 41.06 9.55
CA GLY A 105 12.44 42.08 10.41
C GLY A 105 13.70 42.59 9.75
N ARG A 106 14.17 43.76 10.15
CA ARG A 106 15.38 44.35 9.58
C ARG A 106 16.54 43.39 9.82
N THR A 107 16.69 42.81 11.03
CA THR A 107 17.85 41.94 11.36
C THR A 107 17.80 40.71 10.44
N ASN A 108 16.63 40.08 10.32
CA ASN A 108 16.44 38.95 9.38
C ASN A 108 16.96 39.38 8.00
N TRP A 109 16.50 40.53 7.50
CA TRP A 109 16.83 41.03 6.14
C TRP A 109 18.35 41.16 6.01
N GLU A 110 19.02 41.64 7.06
CA GLU A 110 20.49 41.90 7.02
C GLU A 110 21.26 40.57 7.09
N SER A 111 20.67 39.51 7.62
CA SER A 111 21.28 38.16 7.73
C SER A 111 21.33 37.45 6.38
N ILE A 112 20.58 37.91 5.40
CA ILE A 112 20.44 37.22 4.08
C ILE A 112 21.56 37.70 3.18
N PRO A 113 22.33 36.80 2.55
CA PRO A 113 23.36 37.25 1.62
C PRO A 113 22.76 38.01 0.43
N LYS A 114 23.52 38.93 -0.16
CA LYS A 114 23.05 39.88 -1.20
C LYS A 114 22.59 39.13 -2.45
N LYS A 115 23.24 38.02 -2.79
CA LYS A 115 22.85 37.27 -4.02
C LYS A 115 21.40 36.74 -3.92
N PHE A 116 20.81 36.67 -2.73
CA PHE A 116 19.47 36.08 -2.49
C PHE A 116 18.37 37.14 -2.47
N LYS A 117 18.70 38.42 -2.29
CA LYS A 117 17.64 39.44 -2.04
C LYS A 117 17.65 40.53 -3.10
N PRO A 118 16.47 41.10 -3.45
CA PRO A 118 15.20 40.70 -2.82
C PRO A 118 14.84 39.26 -3.19
N LEU A 119 14.12 38.55 -2.30
CA LEU A 119 13.72 37.14 -2.53
C LEU A 119 12.91 37.07 -3.83
N SER A 120 13.38 36.24 -4.76
CA SER A 120 12.86 36.12 -6.15
C SER A 120 11.39 35.72 -6.15
N ASN A 121 10.65 36.21 -7.14
CA ASN A 121 9.23 35.87 -7.38
C ASN A 121 8.40 36.11 -6.12
N ARG A 122 8.78 37.07 -5.28
CA ARG A 122 8.05 37.38 -4.03
C ARG A 122 8.04 38.91 -3.81
N ILE A 123 6.96 39.43 -3.24
CA ILE A 123 6.86 40.85 -2.85
C ILE A 123 7.51 40.97 -1.48
N ASN A 124 8.68 41.60 -1.42
CA ASN A 124 9.50 41.71 -0.19
C ASN A 124 9.04 42.87 0.70
N VAL A 125 8.73 42.59 1.97
CA VAL A 125 8.38 43.67 2.95
C VAL A 125 9.35 43.60 4.14
N ILE A 126 9.95 44.74 4.49
CA ILE A 126 10.83 44.83 5.68
C ILE A 126 10.22 45.75 6.75
N LEU A 127 10.16 45.27 7.98
CA LEU A 127 9.80 46.04 9.21
C LEU A 127 11.07 46.67 9.82
N SER A 128 11.06 47.99 10.00
CA SER A 128 12.18 48.78 10.57
C SER A 128 11.65 50.13 11.05
N ARG A 129 12.20 50.60 12.17
CA ARG A 129 12.11 51.99 12.69
C ARG A 129 13.41 52.68 12.25
N THR A 130 14.57 52.06 12.46
CA THR A 130 15.89 52.72 12.25
C THR A 130 16.15 53.08 10.77
N LEU A 131 15.52 52.38 9.81
CA LEU A 131 15.78 52.49 8.35
C LEU A 131 14.48 52.87 7.63
N LYS A 132 14.63 53.64 6.56
CA LYS A 132 13.54 54.17 5.73
C LYS A 132 13.83 53.73 4.29
N LYS A 133 12.90 53.94 3.35
CA LYS A 133 13.11 53.43 1.97
C LYS A 133 14.42 53.94 1.36
N GLU A 134 14.90 55.14 1.74
CA GLU A 134 16.13 55.79 1.22
C GLU A 134 17.38 54.98 1.61
N ASP A 135 17.28 54.09 2.60
CA ASP A 135 18.41 53.25 3.08
C ASP A 135 18.54 51.95 2.26
N PHE A 136 17.62 51.70 1.30
CA PHE A 136 17.63 50.44 0.49
C PHE A 136 17.64 50.77 -1.01
N ASP A 137 18.60 50.16 -1.70
CA ASP A 137 18.67 50.12 -3.18
C ASP A 137 17.53 49.24 -3.73
N GLU A 138 17.09 48.21 -2.98
CA GLU A 138 16.36 47.06 -3.57
C GLU A 138 14.87 47.36 -3.75
N ASP A 139 14.23 46.54 -4.57
CA ASP A 139 12.77 46.53 -4.80
C ASP A 139 12.09 45.92 -3.58
N VAL A 140 11.91 46.74 -2.55
CA VAL A 140 11.33 46.33 -1.24
C VAL A 140 10.39 47.44 -0.75
N TYR A 141 9.38 47.09 0.04
CA TYR A 141 8.53 48.02 0.82
C TYR A 141 9.11 48.07 2.23
N ILE A 142 9.29 49.26 2.78
CA ILE A 142 9.57 49.43 4.23
C ILE A 142 8.24 49.78 4.91
N ILE A 143 7.94 49.14 6.03
CA ILE A 143 6.86 49.56 6.97
C ILE A 143 7.47 49.67 8.35
N ASN A 144 6.91 50.55 9.19
CA ASN A 144 7.46 50.83 10.53
C ASN A 144 6.47 50.35 11.62
N LYS A 145 5.48 49.56 11.23
CA LYS A 145 4.25 49.32 12.03
C LYS A 145 3.55 48.06 11.53
N VAL A 146 3.17 47.18 12.43
CA VAL A 146 2.40 45.98 12.01
C VAL A 146 1.14 46.50 11.28
N GLU A 147 0.55 47.61 11.72
CA GLU A 147 -0.74 48.13 11.18
C GLU A 147 -0.54 48.48 9.69
N ASP A 148 0.63 49.04 9.33
CA ASP A 148 0.94 49.42 7.93
C ASP A 148 1.01 48.19 7.02
N LEU A 149 1.34 47.02 7.57
CA LEU A 149 1.34 45.77 6.79
C LEU A 149 -0.10 45.49 6.38
N ILE A 150 -1.04 45.64 7.29
CA ILE A 150 -2.45 45.24 7.00
C ILE A 150 -3.05 46.23 5.99
N VAL A 151 -2.75 47.53 6.15
CA VAL A 151 -3.10 48.56 5.15
C VAL A 151 -2.49 48.15 3.81
N LEU A 152 -1.21 47.72 3.78
CA LEU A 152 -0.52 47.35 2.52
C LEU A 152 -1.20 46.16 1.85
N LEU A 153 -1.54 45.07 2.57
CA LEU A 153 -2.19 43.86 1.96
C LEU A 153 -3.53 44.26 1.35
N GLY A 154 -4.21 45.24 1.96
CA GLY A 154 -5.49 45.79 1.49
C GLY A 154 -5.37 46.46 0.12
N LYS A 155 -4.19 46.97 -0.24
CA LYS A 155 -3.92 47.70 -1.51
C LYS A 155 -3.33 46.75 -2.56
N LEU A 156 -2.68 45.64 -2.17
CA LEU A 156 -1.85 44.81 -3.09
C LEU A 156 -2.65 43.64 -3.60
N ASN A 157 -2.42 43.27 -4.86
CA ASN A 157 -2.73 41.92 -5.39
C ASN A 157 -1.60 40.95 -4.96
N TYR A 158 -1.93 39.97 -4.13
CA TYR A 158 -1.01 38.89 -3.71
C TYR A 158 -1.82 37.63 -3.40
N TYR A 159 -1.16 36.49 -3.28
CA TYR A 159 -1.81 35.19 -2.97
C TYR A 159 -1.80 35.00 -1.45
N LYS A 160 -0.65 34.64 -0.87
CA LYS A 160 -0.59 34.46 0.60
C LYS A 160 0.50 35.38 1.14
N CYS A 161 0.46 35.66 2.46
CA CYS A 161 1.46 36.50 3.17
C CYS A 161 2.20 35.64 4.21
N PHE A 162 3.53 35.56 4.08
CA PHE A 162 4.42 34.73 4.94
C PHE A 162 5.28 35.68 5.79
N ILE A 163 5.16 35.53 7.11
CA ILE A 163 6.07 36.15 8.10
C ILE A 163 7.33 35.26 8.19
N LEU A 164 8.48 35.83 7.85
CA LEU A 164 9.76 35.09 7.67
C LEU A 164 10.63 35.16 8.91
N GLY A 165 10.18 35.81 10.01
CA GLY A 165 11.00 36.05 11.21
C GLY A 165 11.76 37.38 11.11
N GLY A 166 12.71 37.66 12.02
CA GLY A 166 13.21 36.79 13.06
C GLY A 166 12.32 36.74 14.30
N SER A 167 12.91 36.52 15.47
CA SER A 167 12.21 36.18 16.73
C SER A 167 11.22 37.29 17.10
N VAL A 168 11.72 38.52 17.15
CA VAL A 168 10.93 39.72 17.52
C VAL A 168 9.68 39.79 16.63
N VAL A 169 9.84 39.64 15.32
CA VAL A 169 8.71 39.58 14.34
C VAL A 169 7.82 38.37 14.65
N TYR A 170 8.37 37.20 14.89
CA TYR A 170 7.53 36.02 15.26
C TYR A 170 6.72 36.35 16.50
N GLN A 171 7.38 36.83 17.57
CA GLN A 171 6.74 37.11 18.89
C GLN A 171 5.52 38.00 18.68
N GLU A 172 5.65 39.12 17.97
CA GLU A 172 4.57 40.12 17.86
C GLU A 172 3.42 39.59 16.97
N PHE A 173 3.71 38.91 15.87
CA PHE A 173 2.63 38.42 14.98
C PHE A 173 1.80 37.36 15.73
N LEU A 174 2.47 36.48 16.47
CA LEU A 174 1.80 35.42 17.30
C LEU A 174 0.96 36.04 18.43
N GLU A 175 1.49 36.99 19.21
CA GLU A 175 0.80 37.63 20.38
C GLU A 175 -0.37 38.48 19.85
N LYS A 176 -0.32 38.95 18.59
CA LYS A 176 -1.43 39.70 17.95
C LYS A 176 -2.46 38.73 17.38
N LYS A 177 -2.24 37.42 17.50
CA LYS A 177 -3.15 36.39 16.93
C LYS A 177 -3.35 36.64 15.43
N LEU A 178 -2.27 36.95 14.70
CA LEU A 178 -2.28 37.29 13.25
C LEU A 178 -1.82 36.13 12.34
N ILE A 179 -1.44 34.96 12.89
CA ILE A 179 -0.89 33.76 12.19
C ILE A 179 -1.96 32.66 12.16
N LYS A 180 -2.26 32.14 10.98
CA LYS A 180 -3.32 31.13 10.72
C LYS A 180 -2.71 29.73 10.69
N LYS A 181 -1.50 29.59 10.13
CA LYS A 181 -0.67 28.37 10.30
C LYS A 181 0.82 28.76 10.45
N ILE A 182 1.56 27.95 11.21
CA ILE A 182 3.04 28.01 11.28
C ILE A 182 3.57 26.82 10.48
N TYR A 183 4.29 27.07 9.38
CA TYR A 183 5.11 26.06 8.67
C TYR A 183 6.47 25.95 9.36
N PHE A 184 6.71 24.83 10.04
CA PHE A 184 7.78 24.73 11.07
C PHE A 184 8.72 23.57 10.68
N THR A 185 9.96 23.89 10.36
CA THR A 185 11.03 22.88 10.10
C THR A 185 11.70 22.49 11.43
N ARG A 186 11.69 21.21 11.77
CA ARG A 186 12.45 20.65 12.92
C ARG A 186 13.83 20.20 12.42
N ILE A 187 14.86 20.99 12.70
CA ILE A 187 16.27 20.61 12.43
C ILE A 187 16.72 19.73 13.60
N ASN A 188 16.98 18.43 13.39
CA ASN A 188 17.25 17.46 14.50
C ASN A 188 18.76 17.41 14.76
N SER A 189 19.31 18.58 15.13
CA SER A 189 20.72 18.74 15.58
C SER A 189 20.78 19.96 16.49
N THR A 190 21.86 20.05 17.27
CA THR A 190 22.05 21.08 18.31
C THR A 190 23.09 22.06 17.81
N TYR A 191 22.80 23.36 17.90
CA TYR A 191 23.78 24.43 17.60
C TYR A 191 23.67 25.52 18.65
N GLU A 192 24.74 26.30 18.77
CA GLU A 192 24.77 27.52 19.64
C GLU A 192 23.69 28.47 19.10
N CYS A 193 22.77 28.92 19.96
CA CYS A 193 21.70 29.88 19.60
C CYS A 193 21.63 31.02 20.63
N ASP A 194 21.35 32.25 20.19
CA ASP A 194 21.04 33.40 21.10
C ASP A 194 19.66 33.98 20.83
N VAL A 195 18.91 33.48 19.82
CA VAL A 195 17.46 33.82 19.64
C VAL A 195 16.72 32.52 19.38
N PHE A 196 15.47 32.47 19.85
CA PHE A 196 14.60 31.28 19.95
C PHE A 196 13.20 31.65 19.51
N PHE A 197 12.48 30.68 18.97
CA PHE A 197 11.06 30.83 18.58
C PHE A 197 10.22 30.91 19.86
N PRO A 198 9.13 31.69 19.86
CA PRO A 198 8.21 31.71 20.98
C PRO A 198 7.65 30.34 21.35
N GLU A 199 7.47 30.08 22.66
CA GLU A 199 6.90 28.80 23.13
C GLU A 199 5.45 28.82 22.67
N ILE A 200 5.05 27.89 21.81
CA ILE A 200 3.67 27.82 21.23
C ILE A 200 2.71 27.29 22.29
N ASN A 201 1.55 27.93 22.42
CA ASN A 201 0.50 27.45 23.37
C ASN A 201 -0.28 26.31 22.70
N GLU A 202 -0.23 25.12 23.29
CA GLU A 202 -0.87 23.89 22.75
C GLU A 202 -2.39 24.09 22.60
N ASN A 203 -2.98 25.12 23.23
CA ASN A 203 -4.44 25.39 23.17
C ASN A 203 -4.72 26.40 22.03
N GLU A 204 -3.70 27.18 21.61
CA GLU A 204 -3.85 28.21 20.55
C GLU A 204 -3.55 27.56 19.19
N TYR A 205 -2.50 26.74 19.13
CA TYR A 205 -2.03 26.02 17.90
C TYR A 205 -1.97 24.52 18.16
N GLN A 206 -2.42 23.71 17.19
CA GLN A 206 -2.31 22.21 17.19
C GLN A 206 -1.62 21.76 15.89
N ILE A 207 -0.73 20.77 15.96
CA ILE A 207 -0.08 20.17 14.77
C ILE A 207 -1.16 19.44 13.98
N ILE A 208 -1.21 19.63 12.65
CA ILE A 208 -2.20 18.98 11.75
C ILE A 208 -1.49 18.13 10.73
N SER A 209 -0.20 18.32 10.48
CA SER A 209 0.54 17.55 9.44
C SER A 209 2.00 17.34 9.82
N VAL A 210 2.52 16.18 9.42
CA VAL A 210 3.92 15.77 9.65
C VAL A 210 4.43 15.14 8.36
N SER A 211 5.52 15.68 7.85
CA SER A 211 6.12 15.22 6.58
C SER A 211 6.97 13.99 6.82
N ASP A 212 7.49 13.46 5.74
CA ASP A 212 8.52 12.41 5.69
C ASP A 212 9.75 13.01 6.37
N VAL A 213 10.65 12.16 6.81
CA VAL A 213 11.95 12.57 7.46
C VAL A 213 13.02 12.52 6.39
N TYR A 214 13.92 13.50 6.40
CA TYR A 214 14.99 13.57 5.38
C TYR A 214 16.33 13.79 6.07
N THR A 215 17.42 13.49 5.36
CA THR A 215 18.79 13.90 5.71
C THR A 215 19.23 15.00 4.74
N SER A 216 19.79 16.08 5.26
CA SER A 216 20.38 17.16 4.44
C SER A 216 21.57 17.69 5.21
N ASN A 217 22.75 17.71 4.60
CA ASN A 217 23.96 18.31 5.22
C ASN A 217 24.14 17.74 6.64
N ASN A 218 24.05 16.42 6.80
CA ASN A 218 24.53 15.71 8.01
C ASN A 218 23.59 15.97 9.18
N THR A 219 22.32 16.27 8.88
CA THR A 219 21.24 16.30 9.89
C THR A 219 19.97 15.71 9.32
N THR A 220 19.20 15.06 10.17
CA THR A 220 17.81 14.72 9.81
C THR A 220 16.96 15.96 10.11
N LEU A 221 15.80 16.03 9.47
CA LEU A 221 14.86 17.13 9.62
C LEU A 221 13.52 16.66 9.06
N ASP A 222 12.45 17.29 9.51
CA ASP A 222 11.10 17.07 8.97
C ASP A 222 10.38 18.42 8.99
N PHE A 223 9.21 18.47 8.35
CA PHE A 223 8.36 19.67 8.20
C PHE A 223 7.00 19.39 8.86
N ILE A 224 6.67 20.16 9.90
CA ILE A 224 5.34 20.04 10.56
C ILE A 224 4.56 21.32 10.30
N ILE A 225 3.25 21.23 10.39
CA ILE A 225 2.36 22.39 10.17
C ILE A 225 1.48 22.54 11.42
N TYR A 226 1.62 23.65 12.14
CA TYR A 226 0.65 24.05 13.18
C TYR A 226 -0.49 24.85 12.54
N LYS A 227 -1.72 24.62 13.00
CA LYS A 227 -2.96 25.39 12.61
C LYS A 227 -3.50 26.05 13.88
N LYS A 228 -3.92 27.30 13.79
CA LYS A 228 -4.63 28.00 14.90
C LYS A 228 -5.93 27.24 15.12
N THR A 229 -6.33 27.07 16.37
CA THR A 229 -7.55 26.35 16.80
C THR A 229 -8.71 27.35 16.94
N ASN A 230 -9.96 26.87 17.03
CA ASN A 230 -11.19 27.71 17.23
C ASN A 230 -11.27 28.23 18.68
N ASN A 231 -10.65 27.50 19.63
CA ASN A 231 -10.51 27.84 21.09
C ASN A 231 -10.07 29.31 21.22
N ASP A 283 -13.95 17.57 -13.58
CA ASP A 283 -15.20 16.94 -14.07
C ASP A 283 -15.91 16.27 -12.87
N ASP A 284 -16.66 17.06 -12.10
CA ASP A 284 -17.52 16.66 -10.95
C ASP A 284 -18.12 15.26 -11.16
N GLU A 285 -18.59 15.00 -12.39
CA GLU A 285 -19.25 13.75 -12.91
C GLU A 285 -18.60 12.49 -12.31
N GLU A 286 -17.25 12.45 -12.33
CA GLU A 286 -16.42 11.29 -11.90
C GLU A 286 -16.55 11.08 -10.38
N GLU A 287 -16.91 12.11 -9.60
CA GLU A 287 -17.00 12.03 -8.11
C GLU A 287 -18.13 11.09 -7.71
N ASP A 288 -19.23 11.06 -8.47
CA ASP A 288 -20.42 10.21 -8.20
C ASP A 288 -20.08 8.74 -8.45
N ASP A 289 -19.23 8.47 -9.44
CA ASP A 289 -18.82 7.10 -9.83
C ASP A 289 -18.05 6.45 -8.69
N PHE A 290 -17.30 7.26 -7.93
CA PHE A 290 -16.61 6.87 -6.66
C PHE A 290 -17.66 6.36 -5.66
N VAL A 291 -18.69 7.16 -5.36
CA VAL A 291 -19.79 6.83 -4.40
C VAL A 291 -20.38 5.48 -4.81
N TYR A 292 -20.69 5.31 -6.09
CA TYR A 292 -21.30 4.07 -6.63
C TYR A 292 -20.40 2.89 -6.30
N PHE A 293 -19.11 3.00 -6.65
CA PHE A 293 -18.13 1.88 -6.50
C PHE A 293 -18.00 1.51 -5.01
N ASN A 294 -18.56 2.28 -4.08
CA ASN A 294 -18.49 2.03 -2.61
C ASN A 294 -19.89 1.65 -2.06
N PHE A 295 -20.80 1.17 -2.93
CA PHE A 295 -22.17 0.71 -2.55
C PHE A 295 -22.15 -0.44 -1.54
N ASN A 296 -21.03 -1.14 -1.36
CA ASN A 296 -20.96 -2.39 -0.57
C ASN A 296 -20.06 -2.21 0.67
N LYS A 297 -19.50 -1.01 0.87
CA LYS A 297 -18.56 -0.73 2.00
C LYS A 297 -19.40 -0.50 3.27
N GLU A 298 -19.92 -1.62 3.81
CA GLU A 298 -20.57 -1.72 5.15
C GLU A 298 -19.80 -2.73 6.02
N LYS A 299 -18.77 -3.41 5.47
CA LYS A 299 -18.03 -4.52 6.13
C LYS A 299 -16.88 -3.92 6.96
N GLU A 300 -16.22 -2.88 6.43
CA GLU A 300 -15.14 -2.09 7.11
C GLU A 300 -15.76 -0.83 7.76
N GLU A 301 -17.07 -0.56 7.56
CA GLU A 301 -17.87 0.57 8.17
C GLU A 301 -18.39 0.19 9.57
N LYS A 302 -18.40 -1.12 9.89
CA LYS A 302 -18.57 -1.66 11.27
C LYS A 302 -17.33 -1.30 12.12
N ASN A 303 -16.11 -1.47 11.56
CA ASN A 303 -14.84 -1.51 12.34
C ASN A 303 -15.11 -2.40 13.57
N LYS A 304 -15.34 -3.70 13.32
CA LYS A 304 -15.82 -4.75 14.29
C LYS A 304 -15.65 -4.36 15.77
N ASN A 305 -14.48 -3.85 16.17
CA ASN A 305 -14.05 -3.76 17.60
C ASN A 305 -14.43 -2.42 18.23
N SER A 306 -14.55 -1.34 17.42
CA SER A 306 -15.12 0.00 17.77
C SER A 306 -14.13 0.89 18.53
N ILE A 307 -13.62 0.40 19.68
CA ILE A 307 -12.58 0.95 20.64
C ILE A 307 -12.75 2.46 20.87
N HIS A 308 -13.82 3.08 20.34
CA HIS A 308 -14.26 4.49 20.53
C HIS A 308 -13.42 5.48 19.69
N PRO A 309 -14.05 6.43 18.96
CA PRO A 309 -13.29 7.40 18.17
C PRO A 309 -12.44 8.27 19.12
N ASN A 310 -13.10 8.91 20.08
CA ASN A 310 -12.52 9.90 21.05
C ASN A 310 -11.23 9.42 21.71
N ASP A 311 -10.88 8.14 21.61
CA ASP A 311 -9.61 7.63 22.20
C ASP A 311 -8.43 7.95 21.25
N PHE A 312 -8.70 8.45 20.04
CA PHE A 312 -7.68 8.77 19.00
C PHE A 312 -7.89 10.20 18.46
N GLN A 313 -8.22 11.16 19.32
CA GLN A 313 -8.60 12.53 18.87
C GLN A 313 -7.41 13.06 18.05
N ILE A 314 -6.23 13.00 18.65
CA ILE A 314 -4.97 13.53 18.07
C ILE A 314 -4.63 12.72 16.81
N TYR A 315 -4.55 11.40 16.93
CA TYR A 315 -4.20 10.54 15.77
C TYR A 315 -5.10 10.88 14.60
N ASN A 316 -6.39 10.98 14.85
CA ASN A 316 -7.42 11.16 13.79
C ASN A 316 -7.51 12.64 13.37
N SER A 317 -7.11 13.60 14.22
CA SER A 317 -7.09 15.06 13.95
C SER A 317 -6.09 15.40 12.82
N LEU A 318 -4.95 14.69 12.76
CA LEU A 318 -3.86 14.97 11.79
C LEU A 318 -4.42 14.75 10.40
N LYS A 319 -4.06 15.63 9.48
CA LYS A 319 -4.56 15.65 8.08
C LYS A 319 -3.56 14.86 7.24
N TYR A 320 -2.26 15.16 7.30
CA TYR A 320 -1.18 14.46 6.55
C TYR A 320 -0.25 13.76 7.55
N LYS A 321 -0.14 12.44 7.41
CA LYS A 321 0.57 11.56 8.37
C LYS A 321 1.66 10.82 7.58
N TYR A 322 2.70 11.56 7.19
CA TYR A 322 3.70 11.15 6.17
C TYR A 322 5.03 10.77 6.81
N HIS A 323 5.23 11.08 8.09
CA HIS A 323 6.39 10.56 8.88
C HIS A 323 6.42 9.01 8.83
N PRO A 324 7.55 8.36 8.52
CA PRO A 324 7.56 6.91 8.36
C PRO A 324 7.12 6.15 9.63
N GLU A 325 7.18 6.78 10.81
CA GLU A 325 6.70 6.12 12.05
C GLU A 325 5.20 5.78 11.91
N TYR A 326 4.46 6.45 11.02
CA TYR A 326 3.01 6.20 10.79
C TYR A 326 2.81 4.86 10.08
N GLN A 327 3.85 4.30 9.46
CA GLN A 327 3.75 2.94 8.91
C GLN A 327 3.49 1.98 10.07
N TYR A 328 4.15 2.21 11.21
CA TYR A 328 4.01 1.33 12.38
C TYR A 328 2.69 1.69 13.05
N LEU A 329 2.44 2.97 13.30
CA LEU A 329 1.25 3.37 14.07
C LEU A 329 -0.02 3.05 13.30
N ASN A 330 -0.01 3.18 11.97
CA ASN A 330 -1.22 2.90 11.15
C ASN A 330 -1.55 1.41 11.17
N ILE A 331 -0.54 0.51 11.23
CA ILE A 331 -0.74 -0.97 11.32
C ILE A 331 -1.39 -1.28 12.67
N ILE A 332 -0.96 -0.62 13.73
CA ILE A 332 -1.58 -0.80 15.07
C ILE A 332 -3.02 -0.31 15.02
N TYR A 333 -3.25 0.84 14.44
CA TYR A 333 -4.64 1.31 14.29
C TYR A 333 -5.47 0.26 13.53
N ASP A 334 -4.94 -0.27 12.42
CA ASP A 334 -5.65 -1.22 11.52
C ASP A 334 -6.03 -2.46 12.33
N ILE A 335 -5.12 -2.96 13.14
CA ILE A 335 -5.32 -4.20 13.93
C ILE A 335 -6.33 -3.90 15.03
N MET A 336 -6.26 -2.73 15.68
CA MET A 336 -7.24 -2.34 16.72
C MET A 336 -8.65 -2.26 16.12
N MET A 337 -8.83 -1.66 14.95
CA MET A 337 -10.18 -1.37 14.40
C MET A 337 -10.73 -2.55 13.59
N ASN A 338 -9.89 -3.42 13.02
CA ASN A 338 -10.30 -4.47 12.04
C ASN A 338 -9.70 -5.84 12.34
N GLY A 339 -8.86 -5.94 13.38
CA GLY A 339 -8.19 -7.19 13.79
C GLY A 339 -9.17 -8.29 14.22
N ASN A 340 -8.74 -9.53 14.07
CA ASN A 340 -9.56 -10.69 14.47
C ASN A 340 -9.19 -11.02 15.91
N LYS A 341 -10.20 -11.24 16.76
CA LYS A 341 -10.02 -11.74 18.16
C LYS A 341 -9.65 -13.23 18.11
N GLN A 342 -8.52 -13.61 18.69
CA GLN A 342 -7.99 -15.00 18.67
C GLN A 342 -7.38 -15.34 20.04
N SER A 343 -7.28 -16.65 20.32
CA SER A 343 -7.05 -17.28 21.66
C SER A 343 -5.60 -17.10 22.13
N ASP A 344 -4.63 -17.47 21.28
CA ASP A 344 -3.15 -17.28 21.46
C ASP A 344 -2.52 -18.44 22.25
N ARG A 345 -2.88 -18.59 23.54
CA ARG A 345 -2.23 -19.52 24.50
C ARG A 345 -3.26 -20.02 25.54
N THR A 346 -3.14 -19.58 26.81
CA THR A 346 -3.94 -20.04 27.99
C THR A 346 -5.14 -19.12 28.28
N GLY A 347 -5.59 -18.32 27.31
CA GLY A 347 -6.61 -17.26 27.50
C GLY A 347 -6.11 -15.89 27.06
N VAL A 348 -4.77 -15.67 27.05
CA VAL A 348 -4.06 -14.35 26.90
C VAL A 348 -4.86 -13.39 25.98
N GLY A 349 -4.90 -13.65 24.67
CA GLY A 349 -5.82 -12.93 23.76
C GLY A 349 -5.10 -11.91 22.90
N VAL A 350 -5.33 -11.94 21.60
CA VAL A 350 -4.79 -10.93 20.66
C VAL A 350 -5.89 -10.46 19.72
N LEU A 351 -5.67 -9.31 19.12
CA LEU A 351 -6.24 -8.95 17.81
C LEU A 351 -5.14 -9.25 16.76
N SER A 352 -5.47 -9.94 15.67
CA SER A 352 -4.51 -10.35 14.62
C SER A 352 -4.99 -9.96 13.22
N LYS A 353 -4.05 -9.66 12.35
CA LYS A 353 -4.21 -9.52 10.88
C LYS A 353 -3.01 -10.25 10.28
N PHE A 354 -3.01 -10.42 8.98
CA PHE A 354 -2.07 -11.30 8.28
C PHE A 354 -1.59 -10.57 7.05
N GLY A 355 -0.30 -10.24 6.97
CA GLY A 355 0.33 -9.69 5.75
C GLY A 355 0.41 -8.18 5.74
N TYR A 356 1.48 -7.59 6.21
CA TYR A 356 1.75 -6.14 6.04
C TYR A 356 3.15 -5.96 5.47
N ILE A 357 3.46 -4.78 4.94
CA ILE A 357 4.86 -4.41 4.55
C ILE A 357 5.14 -3.01 5.06
N MET A 358 6.29 -2.81 5.70
CA MET A 358 6.85 -1.47 5.97
C MET A 358 8.17 -1.32 5.17
N LYS A 359 8.46 -0.09 4.74
CA LYS A 359 9.70 0.27 4.00
C LYS A 359 10.32 1.48 4.70
N PHE A 360 11.60 1.42 5.04
CA PHE A 360 12.31 2.49 5.77
C PHE A 360 13.54 2.84 4.93
N ASP A 361 13.69 4.11 4.65
CA ASP A 361 14.82 4.63 3.83
C ASP A 361 16.00 4.94 4.75
N LEU A 362 16.96 4.01 4.85
CA LEU A 362 18.07 4.11 5.82
C LEU A 362 19.08 5.17 5.34
N SER A 363 19.00 5.60 4.08
CA SER A 363 19.84 6.71 3.56
C SER A 363 19.38 8.04 4.14
N GLN A 364 18.15 8.13 4.65
CA GLN A 364 17.50 9.40 5.10
C GLN A 364 17.34 9.45 6.62
N TYR A 365 17.24 8.32 7.31
CA TYR A 365 17.06 8.28 8.78
C TYR A 365 17.33 6.86 9.30
N PHE A 366 17.45 6.73 10.61
CA PHE A 366 17.42 5.47 11.36
C PHE A 366 16.05 5.34 12.01
N PRO A 367 15.23 4.34 11.63
CA PRO A 367 13.84 4.27 12.09
C PRO A 367 13.73 3.71 13.50
N LEU A 368 14.28 4.45 14.45
CA LEU A 368 14.06 4.17 15.87
C LEU A 368 12.80 4.91 16.32
N LEU A 369 11.79 4.19 16.76
CA LEU A 369 10.49 4.78 17.12
C LEU A 369 10.70 5.90 18.14
N THR A 370 10.00 7.02 17.93
CA THR A 370 10.06 8.23 18.78
C THR A 370 8.82 8.33 19.69
N THR A 371 7.74 7.60 19.40
CA THR A 371 6.50 7.77 20.19
C THR A 371 6.63 7.02 21.52
N LYS A 372 7.73 6.32 21.74
CA LYS A 372 8.15 5.89 23.09
C LYS A 372 9.67 5.73 23.09
N LYS A 373 10.24 5.55 24.29
CA LYS A 373 11.70 5.42 24.51
C LYS A 373 12.10 3.99 24.22
N LEU A 374 13.16 3.79 23.43
CA LEU A 374 13.79 2.47 23.20
C LEU A 374 15.28 2.62 23.46
N PHE A 375 15.91 1.60 24.04
CA PHE A 375 17.39 1.48 24.21
C PHE A 375 17.86 0.43 23.21
N LEU A 376 19.04 0.57 22.61
CA LEU A 376 19.52 -0.42 21.61
C LEU A 376 20.68 -1.30 22.12
N ARG A 377 21.29 -1.02 23.28
CA ARG A 377 22.48 -1.80 23.73
C ARG A 377 22.16 -3.30 23.67
N GLY A 378 21.01 -3.74 24.22
CA GLY A 378 20.60 -5.16 24.25
C GLY A 378 20.58 -5.76 22.85
N ILE A 379 19.80 -5.14 21.94
CA ILE A 379 19.57 -5.70 20.58
C ILE A 379 20.85 -5.64 19.77
N ILE A 380 21.80 -4.74 20.09
CA ILE A 380 23.09 -4.73 19.35
C ILE A 380 23.91 -5.92 19.88
N GLU A 381 23.98 -6.08 21.20
CA GLU A 381 24.65 -7.25 21.84
C GLU A 381 24.04 -8.55 21.30
N GLU A 382 22.73 -8.59 21.03
CA GLU A 382 22.06 -9.79 20.43
C GLU A 382 22.59 -10.05 19.01
N LEU A 383 22.80 -9.00 18.25
CA LEU A 383 23.17 -9.09 16.82
C LEU A 383 24.63 -9.56 16.75
N LEU A 384 25.45 -9.11 17.68
CA LEU A 384 26.88 -9.46 17.67
C LEU A 384 26.98 -10.94 18.09
N TRP A 385 26.14 -11.31 19.04
CA TRP A 385 26.02 -12.68 19.57
C TRP A 385 25.64 -13.62 18.44
N PHE A 386 24.72 -13.22 17.56
CA PHE A 386 24.27 -13.97 16.37
C PHE A 386 25.46 -14.15 15.42
N ILE A 387 26.13 -13.05 15.12
CA ILE A 387 27.23 -13.03 14.11
C ILE A 387 28.34 -13.97 14.61
N ARG A 388 28.54 -14.09 15.93
CA ARG A 388 29.57 -15.01 16.51
C ARG A 388 29.11 -16.46 16.39
N GLY A 389 27.84 -16.71 16.08
CA GLY A 389 27.28 -18.07 16.01
C GLY A 389 26.95 -18.65 17.38
N GLU A 390 26.94 -17.81 18.43
CA GLU A 390 26.68 -18.22 19.84
C GLU A 390 25.22 -18.62 20.05
N THR A 391 25.02 -19.58 20.94
CA THR A 391 23.69 -20.10 21.37
C THR A 391 23.65 -20.04 22.90
N ASN A 392 24.70 -19.49 23.53
CA ASN A 392 24.90 -19.53 24.99
C ASN A 392 24.24 -18.29 25.60
N GLY A 393 23.10 -18.48 26.29
CA GLY A 393 22.29 -17.45 26.95
C GLY A 393 23.07 -16.70 28.01
N ASN A 394 24.11 -17.34 28.57
CA ASN A 394 24.87 -16.79 29.72
C ASN A 394 25.71 -15.61 29.23
N THR A 395 26.24 -15.67 28.00
CA THR A 395 27.03 -14.58 27.40
C THR A 395 26.21 -13.27 27.49
N LEU A 396 24.96 -13.30 27.09
CA LEU A 396 24.11 -12.09 27.11
C LEU A 396 23.83 -11.73 28.57
N LEU A 397 23.47 -12.71 29.39
CA LEU A 397 23.10 -12.44 30.80
C LEU A 397 24.28 -11.79 31.53
N ASN A 398 25.51 -12.15 31.22
CA ASN A 398 26.74 -11.52 31.77
C ASN A 398 26.90 -10.08 31.28
N LYS A 399 26.18 -9.66 30.26
CA LYS A 399 26.16 -8.26 29.75
C LYS A 399 24.84 -7.60 30.21
N ASN A 400 24.14 -8.24 31.13
CA ASN A 400 22.85 -7.73 31.65
C ASN A 400 21.92 -7.44 30.44
N VAL A 401 21.89 -8.38 29.50
CA VAL A 401 20.88 -8.45 28.40
C VAL A 401 20.03 -9.69 28.67
N ARG A 402 18.74 -9.50 28.98
CA ARG A 402 17.84 -10.55 29.51
C ARG A 402 16.85 -11.00 28.42
N ILE A 403 17.12 -10.68 27.17
CA ILE A 403 16.14 -10.89 26.06
C ILE A 403 15.76 -12.37 26.04
N TRP A 404 16.75 -13.26 26.12
CA TRP A 404 16.57 -14.74 26.03
C TRP A 404 16.49 -15.41 27.40
N GLU A 405 16.53 -14.69 28.53
CA GLU A 405 16.49 -15.30 29.89
C GLU A 405 15.30 -16.24 30.05
N ALA A 406 14.07 -15.76 29.85
CA ALA A 406 12.83 -16.58 30.02
C ALA A 406 12.89 -17.86 29.16
N ASN A 407 13.54 -17.84 27.99
CA ASN A 407 13.48 -18.94 26.98
C ASN A 407 14.52 -20.00 27.31
N GLY A 408 15.30 -19.80 28.39
CA GLY A 408 16.45 -20.64 28.77
C GLY A 408 16.31 -21.26 30.15
N THR A 409 15.19 -21.05 30.83
CA THR A 409 15.00 -21.57 32.21
C THR A 409 14.76 -23.08 32.16
N ARG A 410 15.10 -23.78 33.25
CA ARG A 410 14.86 -25.24 33.40
C ARG A 410 13.40 -25.50 32.96
N GLU A 411 12.45 -24.74 33.49
CA GLU A 411 10.99 -24.94 33.27
C GLU A 411 10.66 -24.71 31.80
N PHE A 412 11.17 -23.63 31.20
CA PHE A 412 10.89 -23.34 29.76
C PHE A 412 11.42 -24.49 28.90
N LEU A 413 12.67 -24.90 29.11
CA LEU A 413 13.30 -26.00 28.32
C LEU A 413 12.52 -27.31 28.55
N ASP A 414 12.22 -27.68 29.81
CA ASP A 414 11.39 -28.87 30.13
C ASP A 414 10.04 -28.80 29.40
N ASN A 415 9.40 -27.66 29.31
CA ASN A 415 8.04 -27.53 28.72
C ASN A 415 8.19 -27.59 27.20
N ARG A 416 9.39 -27.38 26.67
CA ARG A 416 9.72 -27.62 25.23
C ARG A 416 10.15 -29.07 24.98
N LYS A 417 10.12 -29.91 26.01
CA LYS A 417 10.63 -31.30 25.96
C LYS A 417 12.16 -31.32 25.84
N LEU A 418 12.89 -30.25 26.16
CA LEU A 418 14.39 -30.27 26.09
C LEU A 418 14.96 -30.61 27.48
N PHE A 419 14.66 -31.84 27.94
CA PHE A 419 14.96 -32.31 29.31
C PHE A 419 16.46 -32.50 29.44
N HIS A 420 17.14 -32.76 28.31
CA HIS A 420 18.58 -33.08 28.31
C HIS A 420 19.34 -31.82 27.88
N ARG A 421 18.72 -30.66 27.98
CA ARG A 421 19.38 -29.38 27.63
C ARG A 421 19.76 -28.61 28.90
N GLU A 422 21.00 -28.14 29.01
CA GLU A 422 21.49 -27.23 30.05
C GLU A 422 20.76 -25.88 29.99
N VAL A 423 20.49 -25.32 31.18
CA VAL A 423 19.87 -23.99 31.40
C VAL A 423 20.62 -22.96 30.55
N ASN A 424 19.88 -22.14 29.82
CA ASN A 424 20.42 -21.08 28.92
C ASN A 424 21.18 -21.68 27.73
N ASP A 425 21.12 -22.99 27.47
CA ASP A 425 21.53 -23.57 26.16
C ASP A 425 20.32 -23.53 25.23
N LEU A 426 20.25 -22.50 24.38
CA LEU A 426 19.03 -22.19 23.60
C LEU A 426 18.92 -23.13 22.39
N GLY A 427 19.97 -23.94 22.15
CA GLY A 427 19.97 -24.90 21.05
C GLY A 427 20.26 -24.21 19.73
N PRO A 428 20.01 -24.85 18.58
CA PRO A 428 20.46 -24.33 17.29
C PRO A 428 19.54 -23.20 16.78
N ILE A 429 19.60 -22.06 17.48
CA ILE A 429 18.85 -20.83 17.13
C ILE A 429 19.72 -19.97 16.23
N TYR A 430 19.25 -18.76 15.91
CA TYR A 430 19.73 -17.83 14.86
C TYR A 430 21.23 -18.01 14.62
N GLY A 431 22.04 -17.70 15.62
CA GLY A 431 23.50 -17.68 15.49
C GLY A 431 24.04 -18.93 14.82
N PHE A 432 23.59 -20.10 15.29
CA PHE A 432 24.03 -21.43 14.84
C PHE A 432 23.60 -21.63 13.37
N GLN A 433 22.37 -21.25 13.03
CA GLN A 433 21.87 -21.34 11.63
C GLN A 433 22.61 -20.34 10.72
N TRP A 434 22.94 -19.14 11.22
CA TRP A 434 23.71 -18.14 10.43
C TRP A 434 25.11 -18.65 10.07
N ARG A 435 25.80 -19.33 10.98
CA ARG A 435 27.20 -19.76 10.76
C ARG A 435 27.31 -21.26 10.42
N HIS A 436 26.31 -22.12 10.71
CA HIS A 436 26.52 -23.60 10.71
C HIS A 436 25.29 -24.41 10.30
N PHE A 437 24.43 -23.88 9.41
CA PHE A 437 23.14 -24.49 9.05
C PHE A 437 23.41 -25.90 8.53
N GLY A 438 22.83 -26.92 9.14
CA GLY A 438 22.93 -28.31 8.66
C GLY A 438 23.86 -29.16 9.50
N ALA A 439 24.67 -28.53 10.35
CA ALA A 439 25.51 -29.24 11.33
C ALA A 439 24.63 -29.84 12.43
N GLU A 440 25.09 -30.91 13.05
CA GLU A 440 24.38 -31.59 14.16
C GLU A 440 24.70 -30.75 15.41
N TYR A 441 23.68 -30.14 16.00
CA TYR A 441 23.87 -29.40 17.26
C TYR A 441 24.21 -30.41 18.36
N THR A 442 25.21 -30.10 19.18
CA THR A 442 25.63 -30.93 20.32
C THR A 442 25.22 -30.15 21.57
N ASN A 443 26.09 -29.21 21.98
CA ASN A 443 25.79 -28.24 23.07
C ASN A 443 26.40 -26.87 22.72
N MET A 444 26.13 -25.87 23.56
CA MET A 444 26.43 -24.43 23.34
C MET A 444 27.93 -24.16 23.52
N TYR A 445 28.70 -25.12 24.00
CA TYR A 445 30.15 -24.94 24.21
C TYR A 445 30.92 -25.55 23.05
N ASP A 446 30.27 -26.26 22.16
CA ASP A 446 31.01 -27.02 21.15
C ASP A 446 31.67 -26.01 20.19
N ASN A 447 32.77 -26.44 19.57
CA ASN A 447 33.48 -25.77 18.47
C ASN A 447 32.91 -26.30 17.14
N TYR A 448 32.05 -25.55 16.44
CA TYR A 448 31.38 -26.06 15.21
C TYR A 448 32.13 -25.61 13.94
N GLU A 449 33.39 -25.20 14.10
CA GLU A 449 34.24 -24.66 13.03
C GLU A 449 34.19 -25.57 11.79
N ASN A 450 33.88 -24.99 10.63
CA ASN A 450 33.81 -25.66 9.30
C ASN A 450 32.81 -26.82 9.34
N LYS A 451 31.77 -26.71 10.17
CA LYS A 451 30.59 -27.62 10.15
C LYS A 451 29.40 -26.78 9.69
N GLY A 452 28.57 -27.35 8.83
CA GLY A 452 27.35 -26.70 8.33
C GLY A 452 27.68 -25.59 7.34
N VAL A 453 26.68 -24.90 6.85
CA VAL A 453 26.85 -23.84 5.83
C VAL A 453 27.02 -22.49 6.51
N ASP A 454 28.16 -21.82 6.32
CA ASP A 454 28.35 -20.42 6.79
C ASP A 454 27.60 -19.50 5.84
N GLN A 455 26.30 -19.35 6.10
CA GLN A 455 25.37 -18.51 5.31
C GLN A 455 25.88 -17.07 5.30
N LEU A 456 26.22 -16.56 6.48
CA LEU A 456 26.59 -15.12 6.62
C LEU A 456 27.74 -14.80 5.66
N LYS A 457 28.80 -15.58 5.75
CA LYS A 457 29.98 -15.50 4.86
C LYS A 457 29.46 -15.60 3.41
N ASN A 458 28.57 -16.53 3.13
CA ASN A 458 28.14 -16.78 1.74
C ASN A 458 27.49 -15.48 1.18
N ILE A 459 26.65 -14.81 1.95
CA ILE A 459 25.82 -13.69 1.42
C ILE A 459 26.73 -12.46 1.29
N ILE A 460 27.73 -12.35 2.15
CA ILE A 460 28.69 -11.21 2.05
C ILE A 460 29.47 -11.42 0.75
N ASN A 461 29.80 -12.68 0.41
CA ASN A 461 30.58 -13.01 -0.81
C ASN A 461 29.71 -12.68 -2.03
N LEU A 462 28.45 -13.06 -1.99
CA LEU A 462 27.52 -12.86 -3.11
C LEU A 462 27.31 -11.36 -3.32
N ILE A 463 27.10 -10.60 -2.25
CA ILE A 463 26.85 -9.15 -2.35
C ILE A 463 28.06 -8.49 -3.02
N LYS A 464 29.27 -8.90 -2.64
CA LYS A 464 30.57 -8.38 -3.16
C LYS A 464 30.83 -8.83 -4.61
N ASN A 465 30.57 -10.09 -5.00
CA ASN A 465 31.05 -10.64 -6.31
C ASN A 465 29.90 -11.01 -7.27
N ASP A 466 28.67 -11.10 -6.80
CA ASP A 466 27.51 -11.45 -7.67
C ASP A 466 26.33 -10.58 -7.24
N PRO A 467 26.47 -9.24 -7.22
CA PRO A 467 25.46 -8.35 -6.64
C PRO A 467 24.07 -8.42 -7.28
N THR A 468 23.97 -8.82 -8.55
CA THR A 468 22.67 -8.97 -9.25
C THR A 468 21.99 -10.32 -8.93
N SER A 469 22.62 -11.17 -8.09
CA SER A 469 22.04 -12.45 -7.62
C SER A 469 20.66 -12.22 -7.02
N ARG A 470 19.78 -13.19 -7.27
CA ARG A 470 18.42 -13.24 -6.73
C ARG A 470 18.36 -14.34 -5.66
N ARG A 471 19.53 -14.74 -5.15
CA ARG A 471 19.70 -15.89 -4.24
C ARG A 471 20.46 -15.46 -2.99
N ILE A 472 20.52 -14.15 -2.71
CA ILE A 472 21.18 -13.64 -1.48
C ILE A 472 20.16 -13.64 -0.35
N LEU A 473 19.97 -14.80 0.28
CA LEU A 473 19.13 -15.03 1.46
C LEU A 473 19.96 -15.56 2.63
N LEU A 474 19.63 -15.07 3.81
CA LEU A 474 20.00 -15.63 5.11
C LEU A 474 18.71 -16.22 5.71
N CYS A 475 18.67 -17.52 6.03
CA CYS A 475 17.46 -18.24 6.54
C CYS A 475 17.76 -18.86 7.92
N ALA A 476 16.93 -18.59 8.92
CA ALA A 476 17.06 -19.15 10.28
C ALA A 476 16.08 -20.31 10.50
N TRP A 477 15.13 -20.51 9.60
CA TRP A 477 14.01 -21.47 9.76
C TRP A 477 14.49 -22.82 9.24
N ASN A 478 15.40 -23.44 9.97
CA ASN A 478 15.88 -24.82 9.68
C ASN A 478 14.83 -25.83 10.19
N VAL A 479 13.99 -26.34 9.30
CA VAL A 479 12.89 -27.32 9.60
C VAL A 479 13.41 -28.49 10.45
N LYS A 480 14.58 -29.04 10.12
CA LYS A 480 15.17 -30.23 10.79
C LYS A 480 15.33 -29.93 12.27
N ASP A 481 15.67 -28.68 12.62
CA ASP A 481 16.18 -28.29 13.95
C ASP A 481 15.09 -27.62 14.79
N LEU A 482 13.92 -27.33 14.22
CA LEU A 482 12.93 -26.48 14.94
C LEU A 482 12.72 -26.99 16.36
N ASP A 483 12.55 -28.30 16.56
CA ASP A 483 12.10 -28.82 17.89
C ASP A 483 13.25 -28.77 18.92
N GLN A 484 14.51 -28.66 18.48
CA GLN A 484 15.72 -28.58 19.35
C GLN A 484 15.90 -27.11 19.73
N MET A 485 15.29 -26.15 19.03
CA MET A 485 15.41 -24.72 19.40
C MET A 485 14.56 -24.43 20.65
N ALA A 486 15.03 -23.53 21.54
CA ALA A 486 14.27 -23.06 22.71
C ALA A 486 12.90 -22.64 22.22
N LEU A 487 12.87 -21.82 21.17
CA LEU A 487 11.66 -21.65 20.32
C LEU A 487 12.03 -21.37 18.87
N PRO A 488 11.17 -21.69 17.89
CA PRO A 488 11.46 -21.45 16.48
C PRO A 488 11.61 -19.95 16.22
N PRO A 489 12.37 -19.54 15.21
CA PRO A 489 12.63 -18.11 14.98
C PRO A 489 11.39 -17.40 14.44
N CYS A 490 11.17 -16.16 14.90
CA CYS A 490 10.13 -15.22 14.39
C CYS A 490 10.63 -14.61 13.08
N HIS A 491 11.94 -14.38 12.99
CA HIS A 491 12.59 -13.72 11.83
C HIS A 491 13.09 -14.82 10.95
N ILE A 492 12.36 -15.11 9.88
CA ILE A 492 12.54 -16.34 9.04
C ILE A 492 13.75 -16.19 8.11
N LEU A 493 13.78 -15.11 7.34
CA LEU A 493 14.79 -14.89 6.29
C LEU A 493 14.97 -13.38 6.08
N CYS A 494 16.15 -13.04 5.61
CA CYS A 494 16.58 -11.74 5.05
C CYS A 494 16.88 -12.01 3.58
N GLN A 495 16.39 -11.22 2.66
CA GLN A 495 16.93 -11.24 1.28
C GLN A 495 17.54 -9.88 0.99
N PHE A 496 18.63 -9.85 0.23
CA PHE A 496 19.31 -8.59 -0.12
C PHE A 496 19.16 -8.31 -1.60
N TYR A 497 19.27 -7.02 -1.92
CA TYR A 497 19.15 -6.42 -3.27
C TYR A 497 20.21 -5.34 -3.36
N VAL A 498 20.92 -5.35 -4.48
CA VAL A 498 22.04 -4.39 -4.75
C VAL A 498 21.79 -3.72 -6.10
N PHE A 499 21.77 -2.39 -6.07
CA PHE A 499 21.70 -1.54 -7.27
C PHE A 499 22.50 -0.27 -7.01
N ASP A 500 23.34 0.13 -7.97
CA ASP A 500 24.01 1.45 -7.96
C ASP A 500 24.73 1.65 -6.64
N GLY A 501 25.48 0.64 -6.18
CA GLY A 501 26.27 0.72 -4.94
C GLY A 501 25.42 0.83 -3.69
N LYS A 502 24.17 0.40 -3.76
CA LYS A 502 23.20 0.56 -2.65
C LYS A 502 22.58 -0.80 -2.33
N LEU A 503 22.57 -1.11 -1.02
CA LEU A 503 22.06 -2.37 -0.42
C LEU A 503 20.72 -2.12 0.26
N SER A 504 19.70 -2.87 -0.15
CA SER A 504 18.35 -2.98 0.47
C SER A 504 18.17 -4.39 1.06
N CYS A 505 17.34 -4.54 2.10
CA CYS A 505 17.12 -5.80 2.84
C CYS A 505 15.62 -6.00 3.04
N ILE A 506 15.08 -7.14 2.57
CA ILE A 506 13.75 -7.62 3.02
C ILE A 506 13.93 -8.60 4.16
N MET A 507 13.26 -8.39 5.31
CA MET A 507 13.17 -9.39 6.43
C MET A 507 11.72 -9.86 6.56
N TYR A 508 11.45 -11.16 6.42
CA TYR A 508 10.10 -11.76 6.57
C TYR A 508 9.98 -12.28 8.01
N GLN A 509 8.95 -11.80 8.71
CA GLN A 509 8.71 -12.12 10.14
C GLN A 509 7.38 -12.89 10.23
N ARG A 510 7.42 -14.15 10.64
CA ARG A 510 6.20 -15.03 10.66
C ARG A 510 5.24 -14.60 11.76
N SER A 511 5.73 -13.92 12.79
CA SER A 511 4.96 -13.66 14.02
C SER A 511 5.50 -12.38 14.64
N CYS A 512 4.62 -11.43 14.93
CA CYS A 512 4.96 -10.01 15.12
C CYS A 512 4.08 -9.46 16.23
N ASP A 513 4.70 -9.24 17.39
CA ASP A 513 4.14 -8.60 18.58
C ASP A 513 4.31 -7.10 18.33
N LEU A 514 3.25 -6.43 17.93
CA LEU A 514 3.38 -5.05 17.44
C LEU A 514 3.71 -4.12 18.59
N GLY A 515 3.21 -4.43 19.78
CA GLY A 515 3.38 -3.59 20.97
C GLY A 515 4.82 -3.58 21.44
N LEU A 516 5.48 -4.74 21.53
CA LEU A 516 6.82 -4.88 22.18
C LEU A 516 7.92 -5.29 21.20
N GLY A 517 7.66 -6.27 20.34
CA GLY A 517 8.71 -6.92 19.57
C GLY A 517 9.09 -6.06 18.40
N VAL A 518 8.10 -5.64 17.61
CA VAL A 518 8.32 -5.01 16.28
C VAL A 518 9.22 -3.77 16.43
N PRO A 519 9.02 -2.83 17.39
CA PRO A 519 9.86 -1.65 17.45
C PRO A 519 11.33 -2.06 17.49
N PHE A 520 11.67 -3.10 18.24
CA PHE A 520 13.08 -3.57 18.37
C PHE A 520 13.50 -4.30 17.07
N ASN A 521 12.60 -5.07 16.47
CA ASN A 521 12.92 -5.86 15.25
C ASN A 521 13.26 -4.90 14.11
N ILE A 522 12.51 -3.79 13.99
CA ILE A 522 12.80 -2.72 13.00
C ILE A 522 14.23 -2.24 13.23
N ALA A 523 14.61 -1.94 14.47
CA ALA A 523 15.96 -1.43 14.81
C ALA A 523 17.02 -2.49 14.46
N SER A 524 16.83 -3.75 14.88
CA SER A 524 17.81 -4.87 14.66
C SER A 524 18.18 -4.99 13.18
N TYR A 525 17.18 -5.15 12.32
CA TYR A 525 17.45 -5.47 10.91
C TYR A 525 17.94 -4.19 10.22
N SER A 526 17.58 -3.01 10.73
CA SER A 526 18.11 -1.72 10.20
C SER A 526 19.60 -1.65 10.48
N ILE A 527 20.02 -1.89 11.70
CA ILE A 527 21.45 -1.94 12.08
C ILE A 527 22.14 -3.01 11.23
N PHE A 528 21.52 -4.16 11.05
CA PHE A 528 22.17 -5.28 10.35
C PHE A 528 22.41 -4.87 8.91
N THR A 529 21.44 -4.24 8.25
CA THR A 529 21.57 -3.73 6.86
C THR A 529 22.79 -2.78 6.73
N HIS A 530 23.00 -1.91 7.74
CA HIS A 530 24.11 -0.94 7.79
C HIS A 530 25.43 -1.70 7.87
N MET A 531 25.48 -2.70 8.75
CA MET A 531 26.71 -3.51 8.99
C MET A 531 27.05 -4.23 7.68
N ILE A 532 26.10 -4.87 7.00
CA ILE A 532 26.40 -5.64 5.76
C ILE A 532 26.75 -4.65 4.65
N ALA A 533 26.02 -3.55 4.56
CA ALA A 533 26.28 -2.49 3.55
C ALA A 533 27.76 -2.07 3.66
N GLN A 534 28.23 -1.80 4.88
CA GLN A 534 29.58 -1.22 5.12
C GLN A 534 30.67 -2.24 4.81
N VAL A 535 30.53 -3.50 5.25
CA VAL A 535 31.62 -4.51 5.05
C VAL A 535 31.65 -4.96 3.59
N CYS A 536 30.65 -4.62 2.79
CA CYS A 536 30.61 -4.89 1.33
C CYS A 536 30.78 -3.61 0.49
N ASN A 537 31.07 -2.46 1.13
CA ASN A 537 31.46 -1.19 0.47
C ASN A 537 30.28 -0.60 -0.32
N LEU A 538 29.12 -0.62 0.29
CA LEU A 538 27.86 -0.14 -0.34
C LEU A 538 27.24 0.88 0.60
N GLN A 539 26.26 1.65 0.17
CA GLN A 539 25.48 2.53 1.08
C GLN A 539 24.16 1.83 1.40
N PRO A 540 23.68 1.87 2.66
CA PRO A 540 22.36 1.35 2.99
C PRO A 540 21.26 2.13 2.25
N ALA A 541 20.28 1.41 1.71
CA ALA A 541 19.12 2.00 1.04
C ALA A 541 17.88 1.71 1.87
N GLN A 542 17.05 0.75 1.45
CA GLN A 542 15.77 0.45 2.12
C GLN A 542 15.88 -0.78 3.03
N PHE A 543 15.31 -0.71 4.22
CA PHE A 543 14.98 -1.88 5.03
C PHE A 543 13.50 -2.10 4.83
N ILE A 544 13.12 -3.29 4.38
CA ILE A 544 11.72 -3.67 4.05
C ILE A 544 11.32 -4.81 5.00
N HIS A 545 10.29 -4.60 5.80
CA HIS A 545 9.83 -5.50 6.88
C HIS A 545 8.48 -6.10 6.48
N VAL A 546 8.41 -7.42 6.23
CA VAL A 546 7.13 -8.11 5.88
C VAL A 546 6.64 -8.80 7.13
N LEU A 547 5.39 -8.50 7.49
CA LEU A 547 4.70 -9.06 8.67
C LEU A 547 3.74 -10.13 8.18
N GLY A 548 3.96 -11.36 8.63
CA GLY A 548 3.01 -12.47 8.45
C GLY A 548 1.90 -12.35 9.47
N ASN A 549 1.99 -13.09 10.57
CA ASN A 549 0.97 -12.99 11.65
C ASN A 549 1.27 -11.72 12.44
N ALA A 550 0.50 -10.66 12.21
CA ALA A 550 0.69 -9.35 12.88
C ALA A 550 -0.36 -9.23 14.00
N HIS A 551 0.08 -9.09 15.25
CA HIS A 551 -0.87 -9.13 16.38
C HIS A 551 -0.55 -8.10 17.45
N VAL A 552 -1.63 -7.58 18.06
CA VAL A 552 -1.64 -6.76 19.29
C VAL A 552 -2.23 -7.60 20.44
N TYR A 553 -1.43 -7.95 21.45
CA TYR A 553 -1.90 -8.49 22.74
C TYR A 553 -2.91 -7.50 23.35
N ASN A 554 -4.04 -8.04 23.83
CA ASN A 554 -5.12 -7.25 24.49
C ASN A 554 -4.52 -6.49 25.69
N ASN A 555 -3.54 -7.07 26.38
N ASN A 555 -3.48 -7.06 26.33
CA ASN A 555 -2.91 -6.39 27.54
CA ASN A 555 -2.83 -6.46 27.52
C ASN A 555 -2.33 -5.06 27.04
C ASN A 555 -1.96 -5.27 27.10
N HIS A 556 -1.85 -4.99 25.79
CA HIS A 556 -1.09 -3.83 25.27
C HIS A 556 -2.03 -2.67 24.86
N ILE A 557 -3.32 -2.93 24.69
CA ILE A 557 -4.25 -2.04 23.95
C ILE A 557 -4.23 -0.63 24.56
N ASP A 558 -4.38 -0.46 25.86
CA ASP A 558 -4.50 0.88 26.50
C ASP A 558 -3.20 1.66 26.29
N SER A 559 -2.07 1.02 26.54
CA SER A 559 -0.73 1.60 26.32
C SER A 559 -0.59 2.05 24.86
N LEU A 560 -1.07 1.26 23.90
CA LEU A 560 -0.92 1.63 22.48
C LEU A 560 -1.81 2.84 22.12
N LYS A 561 -3.01 2.93 22.69
CA LYS A 561 -3.94 4.09 22.58
C LYS A 561 -3.22 5.37 23.00
N ILE A 562 -2.51 5.33 24.11
CA ILE A 562 -1.70 6.49 24.56
C ILE A 562 -0.70 6.83 23.44
N GLN A 563 0.06 5.85 22.93
CA GLN A 563 1.19 6.03 21.99
C GLN A 563 0.67 6.56 20.66
N LEU A 564 -0.53 6.14 20.23
CA LEU A 564 -1.07 6.46 18.88
C LEU A 564 -1.39 7.95 18.78
N ASN A 565 -1.63 8.60 19.92
CA ASN A 565 -2.02 10.03 20.04
C ASN A 565 -0.77 10.87 20.32
N ARG A 566 0.40 10.30 20.15
CA ARG A 566 1.66 11.07 20.27
C ARG A 566 2.16 11.37 18.87
N ILE A 567 2.76 12.55 18.67
CA ILE A 567 3.23 12.96 17.32
C ILE A 567 4.71 12.59 17.23
N PRO A 568 5.07 11.76 16.23
CA PRO A 568 6.48 11.41 16.03
C PRO A 568 7.40 12.63 15.88
N TYR A 569 8.64 12.48 16.36
CA TYR A 569 9.76 13.44 16.20
C TYR A 569 10.62 13.03 15.02
N PRO A 570 11.39 13.96 14.44
CA PRO A 570 12.36 13.55 13.42
C PRO A 570 13.21 12.42 14.01
N PHE A 571 13.48 11.42 13.19
CA PHE A 571 14.23 10.20 13.56
C PHE A 571 15.66 10.59 13.88
N PRO A 572 16.37 9.78 14.67
CA PRO A 572 17.82 9.91 14.81
C PRO A 572 18.61 9.34 13.61
N THR A 573 19.93 9.27 13.78
CA THR A 573 20.88 8.68 12.82
C THR A 573 21.77 7.66 13.54
N LEU A 574 22.20 6.64 12.80
CA LEU A 574 23.07 5.58 13.32
C LEU A 574 24.45 5.83 12.73
N LYS A 575 25.49 5.88 13.58
CA LYS A 575 26.90 5.94 13.13
C LYS A 575 27.63 4.66 13.50
N LEU A 576 28.25 4.08 12.49
CA LEU A 576 29.12 2.89 12.55
C LEU A 576 30.56 3.38 12.46
N ASN A 577 31.43 2.90 13.33
CA ASN A 577 32.91 2.96 13.13
C ASN A 577 33.19 2.61 11.67
N PRO A 578 33.79 3.51 10.88
CA PRO A 578 34.03 3.23 9.47
C PRO A 578 35.26 2.35 9.22
N ASP A 579 36.09 2.13 10.25
CA ASP A 579 37.31 1.27 10.15
C ASP A 579 36.93 -0.21 10.11
N ILE A 580 35.68 -0.60 10.45
CA ILE A 580 35.27 -2.03 10.52
C ILE A 580 34.90 -2.51 9.12
N LYS A 581 35.69 -3.45 8.58
CA LYS A 581 35.72 -3.95 7.17
C LYS A 581 35.30 -5.43 7.10
N ASN A 582 35.20 -6.10 8.25
CA ASN A 582 34.69 -7.48 8.32
C ASN A 582 33.52 -7.50 9.30
N ILE A 583 32.47 -8.27 8.96
CA ILE A 583 31.22 -8.44 9.76
C ILE A 583 31.53 -8.96 11.16
N GLU A 584 32.66 -9.67 11.35
CA GLU A 584 33.01 -10.37 12.62
C GLU A 584 33.67 -9.38 13.58
N ASP A 585 34.08 -8.19 13.12
CA ASP A 585 35.05 -7.30 13.84
C ASP A 585 34.34 -6.17 14.58
N PHE A 586 33.01 -6.08 14.49
CA PHE A 586 32.21 -5.08 15.24
C PHE A 586 32.11 -5.44 16.74
N THR A 587 32.07 -4.40 17.57
CA THR A 587 31.91 -4.46 19.05
C THR A 587 30.95 -3.34 19.42
N ILE A 588 30.38 -3.37 20.62
CA ILE A 588 29.27 -2.46 20.99
C ILE A 588 29.68 -0.99 20.74
N SER A 589 30.92 -0.60 21.02
CA SER A 589 31.37 0.81 20.96
C SER A 589 31.52 1.28 19.51
N ASP A 590 31.32 0.40 18.53
CA ASP A 590 31.39 0.75 17.09
C ASP A 590 30.06 1.34 16.60
N PHE A 591 29.05 1.45 17.48
CA PHE A 591 27.65 1.88 17.17
C PHE A 591 27.30 3.11 17.99
N THR A 592 26.81 4.16 17.31
CA THR A 592 26.33 5.41 17.96
C THR A 592 25.00 5.87 17.35
N ILE A 593 24.00 6.06 18.21
CA ILE A 593 22.69 6.70 17.87
C ILE A 593 22.82 8.20 18.18
N GLN A 594 22.81 9.05 17.15
CA GLN A 594 22.89 10.52 17.31
C GLN A 594 21.48 11.13 17.18
N ASN A 595 21.16 12.03 18.10
CA ASN A 595 20.02 12.97 17.98
C ASN A 595 18.71 12.18 18.12
N TYR A 596 18.64 11.27 19.10
CA TYR A 596 17.38 10.54 19.42
C TYR A 596 16.46 11.45 20.22
N VAL A 597 15.38 11.88 19.59
CA VAL A 597 14.32 12.71 20.24
C VAL A 597 13.08 11.84 20.31
N HIS A 598 12.61 11.58 21.52
CA HIS A 598 11.56 10.58 21.81
C HIS A 598 10.62 11.03 22.92
N HIS A 599 9.41 10.52 22.88
CA HIS A 599 8.44 10.69 23.97
C HIS A 599 8.90 9.85 25.17
N GLU A 600 8.14 9.98 26.25
CA GLU A 600 8.38 9.27 27.52
C GLU A 600 8.22 7.75 27.27
N LYS A 601 9.00 6.98 28.03
CA LYS A 601 8.94 5.50 28.13
C LYS A 601 7.51 5.08 28.46
N ILE A 602 7.06 3.97 27.87
CA ILE A 602 5.77 3.29 28.14
C ILE A 602 6.13 1.83 28.45
N SER A 603 5.70 1.32 29.60
CA SER A 603 5.53 -0.14 29.83
C SER A 603 4.22 -0.55 29.15
N MET A 604 4.29 -1.49 28.21
CA MET A 604 3.12 -1.87 27.38
C MET A 604 2.12 -2.68 28.24
N ASP A 605 2.58 -3.23 29.36
CA ASP A 605 1.79 -4.08 30.30
C ASP A 605 0.85 -3.23 31.17
N MET A 606 1.37 -2.18 31.83
CA MET A 606 0.66 -1.25 32.75
C MET A 606 0.31 -1.96 34.08
N ALA A 607 0.82 -3.18 34.34
CA ALA A 607 0.42 -4.04 35.48
C ALA A 607 1.64 -4.67 36.19
N ALA A 608 2.60 -5.23 35.42
CA ALA A 608 3.85 -5.88 35.90
C ALA A 608 5.05 -5.48 35.01
N MET B 1 -23.64 26.80 -30.09
CA MET B 1 -24.81 25.82 -29.91
C MET B 1 -24.30 24.36 -30.00
N MET B 2 -23.08 24.09 -29.49
CA MET B 2 -22.30 22.81 -29.55
C MET B 2 -22.41 22.08 -28.19
N GLU B 3 -23.60 21.53 -27.89
CA GLU B 3 -23.93 20.77 -26.64
C GLU B 3 -24.83 19.58 -27.00
N GLN B 4 -24.35 18.34 -26.83
CA GLN B 4 -25.20 17.13 -26.93
C GLN B 4 -26.40 17.33 -25.98
N VAL B 5 -27.58 16.85 -26.37
CA VAL B 5 -28.82 16.80 -25.51
C VAL B 5 -28.54 15.92 -24.28
N CYS B 6 -27.83 14.79 -24.49
CA CYS B 6 -27.47 13.74 -23.47
C CYS B 6 -26.67 14.34 -22.31
N ASP B 7 -25.71 15.23 -22.63
CA ASP B 7 -24.90 16.00 -21.64
C ASP B 7 -25.80 16.96 -20.87
N VAL B 8 -26.74 17.64 -21.55
CA VAL B 8 -27.68 18.61 -20.92
C VAL B 8 -28.50 17.88 -19.86
N PHE B 9 -29.37 16.97 -20.29
CA PHE B 9 -30.38 16.31 -19.42
C PHE B 9 -29.77 15.15 -18.61
N ASP B 10 -28.51 14.77 -18.88
CA ASP B 10 -27.72 13.78 -18.09
C ASP B 10 -28.38 12.40 -18.20
N ILE B 11 -28.55 11.90 -19.43
CA ILE B 11 -29.25 10.60 -19.68
C ILE B 11 -28.19 9.48 -19.71
N TYR B 12 -28.26 8.62 -18.69
CA TYR B 12 -27.40 7.42 -18.50
C TYR B 12 -28.26 6.18 -18.73
N ALA B 13 -27.65 5.13 -19.30
CA ALA B 13 -28.19 3.75 -19.31
C ALA B 13 -27.58 2.96 -18.14
N ILE B 14 -28.37 2.07 -17.54
CA ILE B 14 -27.87 1.06 -16.57
C ILE B 14 -28.45 -0.31 -16.95
N CYS B 15 -27.56 -1.28 -17.21
CA CYS B 15 -27.91 -2.66 -17.62
C CYS B 15 -27.05 -3.67 -16.89
N ALA B 16 -27.50 -4.92 -16.93
CA ALA B 16 -26.77 -6.14 -16.51
C ALA B 16 -26.86 -7.17 -17.64
N CYS B 17 -25.71 -7.58 -18.18
CA CYS B 17 -25.62 -8.60 -19.25
C CYS B 17 -24.82 -9.81 -18.79
N CYS B 18 -25.45 -10.97 -18.88
CA CYS B 18 -24.81 -12.30 -18.78
C CYS B 18 -24.31 -12.73 -20.15
N LYS B 19 -23.66 -13.91 -20.22
CA LYS B 19 -23.18 -14.58 -21.47
C LYS B 19 -24.33 -15.44 -22.01
N VAL B 20 -24.19 -15.90 -23.26
CA VAL B 20 -25.28 -16.51 -24.07
C VAL B 20 -24.77 -17.84 -24.64
N GLU B 21 -25.67 -18.80 -24.88
CA GLU B 21 -25.31 -20.18 -25.38
C GLU B 21 -24.91 -20.17 -26.87
N SER B 22 -24.32 -21.30 -27.31
CA SER B 22 -23.94 -21.62 -28.72
C SER B 22 -24.64 -22.92 -29.17
N ASN B 29 -11.69 -22.67 -30.65
CA ASN B 29 -11.55 -21.94 -29.37
C ASN B 29 -12.45 -20.70 -29.37
N GLU B 30 -13.14 -20.43 -28.26
CA GLU B 30 -14.02 -19.23 -28.13
C GLU B 30 -13.10 -17.99 -28.12
N VAL B 31 -13.48 -16.96 -28.88
CA VAL B 31 -12.88 -15.59 -28.82
C VAL B 31 -13.82 -14.72 -27.99
N PHE B 32 -13.29 -14.00 -27.00
CA PHE B 32 -14.04 -13.08 -26.12
C PHE B 32 -13.72 -11.62 -26.49
N ASN B 33 -14.71 -10.76 -26.21
CA ASN B 33 -14.70 -9.27 -26.35
C ASN B 33 -15.82 -8.73 -25.46
N ASN B 34 -15.99 -7.41 -25.44
CA ASN B 34 -17.07 -6.75 -24.67
C ASN B 34 -18.44 -7.31 -25.10
N TYR B 35 -18.61 -7.73 -26.36
CA TYR B 35 -19.91 -8.25 -26.86
C TYR B 35 -20.23 -9.64 -26.26
N THR B 36 -19.21 -10.37 -25.82
CA THR B 36 -19.37 -11.58 -24.95
C THR B 36 -20.55 -11.39 -23.98
N PHE B 37 -20.66 -10.22 -23.32
CA PHE B 37 -21.65 -9.95 -22.24
C PHE B 37 -22.82 -9.17 -22.83
N ARG B 38 -23.88 -9.85 -23.30
CA ARG B 38 -25.01 -9.18 -24.01
C ARG B 38 -26.37 -9.80 -23.62
N GLY B 39 -26.43 -10.83 -22.79
CA GLY B 39 -27.72 -11.36 -22.32
C GLY B 39 -28.50 -10.35 -21.46
N LEU B 40 -29.75 -10.01 -21.84
CA LEU B 40 -30.60 -9.02 -21.11
C LEU B 40 -31.81 -9.70 -20.49
N GLY B 41 -32.54 -10.54 -21.23
CA GLY B 41 -33.83 -11.09 -20.79
C GLY B 41 -34.18 -12.44 -21.42
N ASN B 42 -35.22 -13.09 -20.87
CA ASN B 42 -35.74 -14.40 -21.34
C ASN B 42 -37.22 -14.55 -20.94
N LYS B 43 -38.11 -14.52 -21.95
CA LYS B 43 -39.57 -14.74 -21.80
C LYS B 43 -40.14 -13.63 -20.90
N GLY B 44 -39.73 -12.38 -21.18
CA GLY B 44 -40.20 -11.16 -20.50
C GLY B 44 -39.69 -11.05 -19.07
N VAL B 45 -38.67 -11.84 -18.72
CA VAL B 45 -38.13 -11.93 -17.34
C VAL B 45 -36.60 -11.97 -17.45
N LEU B 46 -35.90 -11.65 -16.35
CA LEU B 46 -34.42 -11.68 -16.30
C LEU B 46 -33.93 -13.10 -16.56
N PRO B 47 -32.74 -13.29 -17.20
CA PRO B 47 -32.23 -14.63 -17.54
C PRO B 47 -31.89 -15.52 -16.33
N TRP B 48 -31.64 -14.89 -15.17
CA TRP B 48 -31.08 -15.53 -13.96
C TRP B 48 -32.13 -15.44 -12.86
N LYS B 49 -32.05 -16.34 -11.87
CA LYS B 49 -33.08 -16.42 -10.80
C LYS B 49 -33.05 -15.11 -9.99
N CYS B 50 -31.87 -14.66 -9.55
CA CYS B 50 -31.70 -13.56 -8.56
C CYS B 50 -30.22 -13.33 -8.25
N ILE B 51 -29.68 -12.20 -8.70
CA ILE B 51 -28.31 -11.75 -8.34
C ILE B 51 -28.43 -10.50 -7.45
N SER B 52 -28.50 -10.72 -6.12
CA SER B 52 -28.79 -9.69 -5.06
C SER B 52 -27.77 -8.57 -5.06
N LEU B 53 -26.55 -8.78 -5.56
CA LEU B 53 -25.53 -7.73 -5.57
C LEU B 53 -25.73 -6.79 -6.76
N ASP B 54 -26.12 -7.30 -7.93
CA ASP B 54 -26.53 -6.44 -9.07
C ASP B 54 -27.75 -5.60 -8.66
N MET B 55 -28.76 -6.24 -8.08
CA MET B 55 -29.98 -5.59 -7.52
C MET B 55 -29.58 -4.49 -6.54
N LYS B 56 -28.68 -4.75 -5.60
CA LYS B 56 -28.27 -3.76 -4.57
C LYS B 56 -27.62 -2.56 -5.26
N TYR B 57 -26.71 -2.81 -6.21
CA TYR B 57 -25.94 -1.79 -6.99
C TYR B 57 -26.93 -0.88 -7.70
N PHE B 58 -27.84 -1.52 -8.45
CA PHE B 58 -28.96 -0.91 -9.20
C PHE B 58 -29.70 0.12 -8.32
N ARG B 59 -30.28 -0.35 -7.21
CA ARG B 59 -30.99 0.46 -6.18
C ARG B 59 -30.21 1.73 -5.86
N ALA B 60 -28.95 1.58 -5.43
CA ALA B 60 -28.06 2.67 -4.95
C ALA B 60 -27.80 3.71 -6.04
N VAL B 61 -27.39 3.27 -7.23
CA VAL B 61 -27.00 4.16 -8.36
C VAL B 61 -28.22 4.98 -8.82
N THR B 62 -29.40 4.35 -8.87
CA THR B 62 -30.65 4.96 -9.40
C THR B 62 -31.26 5.85 -8.31
N THR B 63 -31.15 5.50 -7.03
CA THR B 63 -31.63 6.31 -5.87
C THR B 63 -30.71 7.53 -5.65
N TYR B 64 -29.39 7.35 -5.69
CA TYR B 64 -28.44 8.35 -5.14
C TYR B 64 -28.59 9.71 -5.85
N VAL B 65 -28.64 10.80 -5.07
CA VAL B 65 -28.54 12.20 -5.59
C VAL B 65 -27.60 13.00 -4.70
N ASN B 66 -26.97 14.03 -5.28
CA ASN B 66 -26.21 15.07 -4.55
C ASN B 66 -26.94 16.41 -4.74
N GLU B 67 -27.71 16.85 -3.74
CA GLU B 67 -28.51 18.10 -3.73
C GLU B 67 -27.55 19.30 -3.86
N SER B 68 -26.34 19.18 -3.34
CA SER B 68 -25.31 20.25 -3.39
C SER B 68 -24.79 20.47 -4.84
N LYS B 69 -25.10 19.59 -5.81
CA LYS B 69 -24.52 19.69 -7.19
C LYS B 69 -25.63 19.95 -8.24
N TYR B 70 -26.87 20.11 -7.79
CA TYR B 70 -28.06 20.29 -8.67
C TYR B 70 -28.06 21.70 -9.28
N GLU B 71 -27.79 22.75 -8.50
CA GLU B 71 -27.92 24.15 -8.99
C GLU B 71 -27.21 24.24 -10.34
N LYS B 72 -25.95 23.82 -10.40
CA LYS B 72 -25.09 23.87 -11.61
C LYS B 72 -25.77 23.17 -12.80
N LEU B 73 -26.55 22.10 -12.55
CA LEU B 73 -27.36 21.34 -13.55
C LEU B 73 -28.58 22.17 -13.97
N LYS B 74 -29.41 22.63 -13.01
CA LYS B 74 -30.61 23.48 -13.29
C LYS B 74 -30.20 24.66 -14.17
N TYR B 75 -28.99 25.22 -13.97
CA TYR B 75 -28.50 26.41 -14.69
C TYR B 75 -28.13 26.06 -16.14
N LYS B 76 -27.48 24.93 -16.40
CA LYS B 76 -27.14 24.55 -17.80
C LYS B 76 -28.43 24.11 -18.51
N ARG B 77 -29.40 23.56 -17.77
CA ARG B 77 -30.66 23.00 -18.33
C ARG B 77 -31.60 24.13 -18.76
N CYS B 78 -31.91 25.07 -17.86
CA CYS B 78 -32.92 26.13 -18.12
C CYS B 78 -32.39 27.11 -19.20
N LYS B 79 -31.10 27.43 -19.20
CA LYS B 79 -30.44 28.17 -20.31
C LYS B 79 -30.71 27.52 -21.67
N TYR B 80 -30.57 26.19 -21.76
CA TYR B 80 -30.69 25.39 -23.02
C TYR B 80 -32.12 25.49 -23.58
N LEU B 81 -33.15 25.46 -22.73
CA LEU B 81 -34.57 25.44 -23.21
C LEU B 81 -35.02 26.85 -23.60
N ASN B 82 -34.13 27.86 -23.54
CA ASN B 82 -34.47 29.28 -23.84
C ASN B 82 -35.47 29.74 -22.75
N LYS B 83 -35.28 29.26 -21.50
CA LYS B 83 -36.16 29.47 -20.32
C LYS B 83 -35.28 29.95 -19.17
N GLU B 84 -35.78 29.96 -17.92
CA GLU B 84 -35.06 30.58 -16.78
C GLU B 84 -35.39 29.96 -15.41
N THR B 85 -36.59 29.39 -15.25
CA THR B 85 -37.14 28.95 -13.92
C THR B 85 -37.50 27.44 -13.99
N VAL B 86 -37.85 26.87 -12.81
CA VAL B 86 -38.09 25.42 -12.51
C VAL B 86 -39.12 24.83 -13.52
N ASP B 87 -40.29 25.52 -13.67
CA ASP B 87 -41.34 25.26 -14.70
C ASP B 87 -42.35 26.44 -14.75
N ASN B 88 -43.24 26.43 -15.75
CA ASN B 88 -44.36 27.41 -15.97
C ASN B 88 -45.67 26.63 -16.19
N LYS B 97 -37.64 17.51 -2.30
CA LYS B 97 -36.64 16.41 -2.15
C LYS B 97 -36.25 15.93 -3.55
N LEU B 98 -35.01 16.20 -3.96
CA LEU B 98 -34.50 15.84 -5.31
C LEU B 98 -34.38 14.32 -5.43
N GLN B 99 -35.00 13.74 -6.46
CA GLN B 99 -34.87 12.31 -6.85
C GLN B 99 -34.37 12.25 -8.29
N ASN B 100 -34.02 11.05 -8.77
CA ASN B 100 -33.60 10.82 -10.18
C ASN B 100 -34.84 10.40 -10.95
N VAL B 101 -34.72 10.39 -12.28
CA VAL B 101 -35.75 9.87 -13.20
C VAL B 101 -35.32 8.47 -13.65
N VAL B 102 -36.26 7.53 -13.73
CA VAL B 102 -36.03 6.15 -14.24
C VAL B 102 -37.06 5.84 -15.34
N VAL B 103 -36.59 5.49 -16.53
CA VAL B 103 -37.40 5.26 -17.77
C VAL B 103 -37.38 3.77 -18.12
N MET B 104 -38.56 3.12 -18.20
CA MET B 104 -38.69 1.69 -18.58
C MET B 104 -39.57 1.53 -19.84
N GLY B 105 -39.23 0.59 -20.73
CA GLY B 105 -40.16 0.01 -21.72
C GLY B 105 -41.28 -0.74 -21.02
N ARG B 106 -42.41 -0.92 -21.70
CA ARG B 106 -43.66 -1.42 -21.05
C ARG B 106 -43.43 -2.88 -20.61
N THR B 107 -42.81 -3.68 -21.47
CA THR B 107 -42.40 -5.08 -21.15
C THR B 107 -41.53 -5.04 -19.88
N ASN B 108 -40.52 -4.16 -19.87
CA ASN B 108 -39.63 -3.95 -18.70
C ASN B 108 -40.51 -3.57 -17.50
N TRP B 109 -41.46 -2.63 -17.64
CA TRP B 109 -42.34 -2.21 -16.51
C TRP B 109 -43.12 -3.41 -15.94
N GLU B 110 -43.74 -4.23 -16.79
CA GLU B 110 -44.58 -5.38 -16.34
C GLU B 110 -43.69 -6.47 -15.72
N SER B 111 -42.48 -6.68 -16.24
CA SER B 111 -41.54 -7.75 -15.81
C SER B 111 -41.25 -7.65 -14.29
N ILE B 112 -41.42 -6.49 -13.68
CA ILE B 112 -41.09 -6.28 -12.25
C ILE B 112 -42.24 -6.87 -11.42
N PRO B 113 -41.94 -7.72 -10.41
CA PRO B 113 -42.92 -8.04 -9.36
C PRO B 113 -43.54 -6.80 -8.68
N LYS B 114 -44.87 -6.80 -8.51
CA LYS B 114 -45.69 -5.62 -8.15
C LYS B 114 -45.12 -4.88 -6.93
N LYS B 115 -44.54 -5.64 -5.98
CA LYS B 115 -44.15 -5.16 -4.63
C LYS B 115 -42.98 -4.16 -4.70
N PHE B 116 -42.25 -4.13 -5.83
CA PHE B 116 -41.15 -3.16 -6.10
C PHE B 116 -41.71 -1.87 -6.73
N LYS B 117 -42.87 -1.94 -7.40
CA LYS B 117 -43.51 -0.81 -8.14
C LYS B 117 -44.36 0.05 -7.21
N PRO B 118 -44.42 1.38 -7.41
CA PRO B 118 -43.45 2.11 -8.24
C PRO B 118 -42.10 2.12 -7.50
N LEU B 119 -40.99 2.19 -8.24
CA LEU B 119 -39.63 2.06 -7.68
C LEU B 119 -39.36 3.16 -6.64
N SER B 120 -39.15 2.77 -5.37
CA SER B 120 -38.85 3.66 -4.21
C SER B 120 -38.07 4.89 -4.67
N ASN B 121 -38.41 6.05 -4.10
CA ASN B 121 -37.58 7.28 -4.12
C ASN B 121 -37.18 7.66 -5.55
N ARG B 122 -37.94 7.24 -6.58
CA ARG B 122 -37.59 7.50 -8.01
C ARG B 122 -38.81 7.94 -8.83
N ILE B 123 -38.66 9.01 -9.61
CA ILE B 123 -39.65 9.48 -10.63
C ILE B 123 -39.77 8.40 -11.71
N ASN B 124 -40.71 7.46 -11.54
CA ASN B 124 -40.92 6.35 -12.52
C ASN B 124 -41.57 6.93 -13.78
N VAL B 125 -41.03 6.61 -14.95
CA VAL B 125 -41.58 6.95 -16.29
C VAL B 125 -41.76 5.63 -17.05
N ILE B 126 -42.57 5.61 -18.12
CA ILE B 126 -42.85 4.36 -18.90
C ILE B 126 -43.10 4.75 -20.36
N LEU B 127 -42.12 4.55 -21.24
CA LEU B 127 -42.36 4.54 -22.71
C LEU B 127 -43.37 3.43 -23.03
N SER B 128 -44.63 3.83 -23.32
CA SER B 128 -45.73 2.95 -23.82
C SER B 128 -46.59 3.68 -24.87
N ARG B 129 -46.45 3.25 -26.13
CA ARG B 129 -47.26 3.73 -27.28
C ARG B 129 -48.72 3.27 -27.09
N THR B 130 -49.00 2.37 -26.15
CA THR B 130 -50.31 1.67 -25.98
C THR B 130 -51.10 2.38 -24.89
N LEU B 131 -51.09 1.86 -23.64
CA LEU B 131 -51.92 2.34 -22.51
C LEU B 131 -51.54 3.80 -22.18
N LYS B 132 -52.30 4.45 -21.29
CA LYS B 132 -52.19 5.91 -20.96
C LYS B 132 -52.44 6.13 -19.47
N LYS B 133 -52.16 7.35 -19.00
CA LYS B 133 -52.27 7.82 -17.59
C LYS B 133 -53.31 6.96 -16.85
N GLU B 134 -54.53 6.91 -17.40
CA GLU B 134 -55.80 6.24 -16.94
C GLU B 134 -55.56 5.31 -15.73
N ASP B 135 -54.82 4.22 -15.94
CA ASP B 135 -54.78 3.02 -15.06
C ASP B 135 -53.77 3.21 -13.92
N PHE B 136 -53.09 4.38 -13.87
CA PHE B 136 -51.88 4.66 -13.06
C PHE B 136 -52.07 5.97 -12.28
N ASP B 137 -51.41 6.10 -11.14
CA ASP B 137 -51.47 7.29 -10.23
C ASP B 137 -50.77 8.50 -10.91
N GLU B 138 -50.54 9.58 -10.13
CA GLU B 138 -49.57 10.68 -10.42
C GLU B 138 -48.23 10.33 -9.74
N ASP B 139 -47.13 10.91 -10.25
CA ASP B 139 -45.72 10.54 -9.91
C ASP B 139 -45.26 9.39 -10.83
N VAL B 140 -46.17 8.81 -11.63
CA VAL B 140 -45.90 7.70 -12.59
C VAL B 140 -46.27 8.16 -14.00
N TYR B 141 -45.34 8.81 -14.69
CA TYR B 141 -45.57 9.47 -16.00
C TYR B 141 -45.54 8.40 -17.10
N ILE B 142 -46.13 8.72 -18.25
CA ILE B 142 -46.23 7.83 -19.43
C ILE B 142 -45.92 8.66 -20.66
N ILE B 143 -45.45 8.03 -21.73
CA ILE B 143 -44.94 8.74 -22.94
C ILE B 143 -45.21 7.89 -24.18
N ASN B 144 -45.29 8.54 -25.35
CA ASN B 144 -45.73 7.94 -26.65
C ASN B 144 -44.54 7.84 -27.60
N LYS B 145 -43.60 8.79 -27.49
CA LYS B 145 -42.38 8.93 -28.32
C LYS B 145 -41.17 9.11 -27.39
N VAL B 146 -39.96 8.92 -27.91
CA VAL B 146 -38.70 9.27 -27.18
C VAL B 146 -38.70 10.80 -26.98
N GLU B 147 -39.05 11.55 -28.03
CA GLU B 147 -39.07 13.04 -28.08
C GLU B 147 -39.82 13.60 -26.85
N ASP B 148 -40.88 12.95 -26.39
CA ASP B 148 -41.78 13.47 -25.32
C ASP B 148 -41.14 13.23 -23.93
N LEU B 149 -39.97 12.58 -23.83
CA LEU B 149 -39.22 12.44 -22.55
C LEU B 149 -38.45 13.74 -22.27
N ILE B 150 -37.71 14.24 -23.26
CA ILE B 150 -36.96 15.53 -23.14
C ILE B 150 -37.92 16.61 -22.63
N VAL B 151 -39.12 16.72 -23.23
CA VAL B 151 -40.20 17.68 -22.85
C VAL B 151 -40.42 17.57 -21.33
N LEU B 152 -40.64 16.34 -20.83
CA LEU B 152 -40.98 16.06 -19.40
C LEU B 152 -39.79 16.37 -18.49
N LEU B 153 -38.54 16.18 -18.93
CA LEU B 153 -37.33 16.52 -18.14
C LEU B 153 -37.15 18.04 -18.10
N GLY B 154 -37.48 18.72 -19.20
CA GLY B 154 -37.49 20.19 -19.33
C GLY B 154 -38.35 20.87 -18.28
N LYS B 155 -39.33 20.15 -17.73
CA LYS B 155 -40.37 20.68 -16.79
C LYS B 155 -40.23 20.08 -15.38
N LEU B 156 -39.11 19.42 -15.06
CA LEU B 156 -38.97 18.60 -13.82
C LEU B 156 -37.76 19.03 -12.98
N ASN B 157 -37.86 18.78 -11.67
CA ASN B 157 -36.73 18.79 -10.70
C ASN B 157 -36.27 17.34 -10.45
N TYR B 158 -35.17 16.95 -11.12
CA TYR B 158 -34.54 15.62 -11.06
C TYR B 158 -33.02 15.77 -11.15
N TYR B 159 -32.28 14.95 -10.42
CA TYR B 159 -30.79 14.91 -10.49
C TYR B 159 -30.34 14.41 -11.87
N LYS B 160 -30.46 13.09 -12.13
CA LYS B 160 -30.02 12.40 -13.37
C LYS B 160 -31.17 11.49 -13.88
N CYS B 161 -31.13 11.17 -15.18
CA CYS B 161 -32.13 10.31 -15.86
C CYS B 161 -31.46 9.00 -16.27
N PHE B 162 -31.96 7.88 -15.76
CA PHE B 162 -31.44 6.50 -15.98
C PHE B 162 -32.41 5.75 -16.90
N ILE B 163 -31.96 5.41 -18.09
CA ILE B 163 -32.65 4.40 -18.96
C ILE B 163 -32.43 3.00 -18.36
N LEU B 164 -33.50 2.38 -17.87
CA LEU B 164 -33.56 1.10 -17.11
C LEU B 164 -33.78 -0.11 -18.03
N GLY B 165 -33.71 0.04 -19.37
CA GLY B 165 -34.05 -0.98 -20.39
C GLY B 165 -35.54 -0.90 -20.77
N GLY B 166 -36.10 -1.94 -21.40
CA GLY B 166 -35.41 -3.13 -21.91
C GLY B 166 -34.69 -2.89 -23.24
N SER B 167 -34.62 -3.93 -24.07
CA SER B 167 -33.71 -4.02 -25.25
C SER B 167 -34.09 -2.92 -26.22
N VAL B 168 -35.33 -2.98 -26.71
CA VAL B 168 -35.90 -2.05 -27.71
C VAL B 168 -35.59 -0.62 -27.26
N VAL B 169 -35.76 -0.34 -25.96
CA VAL B 169 -35.52 1.00 -25.34
C VAL B 169 -34.02 1.36 -25.42
N TYR B 170 -33.10 0.51 -24.92
CA TYR B 170 -31.63 0.73 -25.08
C TYR B 170 -31.30 0.96 -26.57
N GLN B 171 -31.80 0.06 -27.43
CA GLN B 171 -31.55 0.08 -28.89
C GLN B 171 -31.75 1.52 -29.41
N GLU B 172 -32.98 2.04 -29.25
CA GLU B 172 -33.45 3.32 -29.85
C GLU B 172 -32.85 4.55 -29.14
N PHE B 173 -32.53 4.45 -27.85
CA PHE B 173 -31.88 5.54 -27.08
C PHE B 173 -30.41 5.69 -27.47
N LEU B 174 -29.75 4.57 -27.78
CA LEU B 174 -28.32 4.51 -28.19
C LEU B 174 -28.20 4.89 -29.67
N GLU B 175 -29.16 4.48 -30.48
CA GLU B 175 -29.30 4.84 -31.92
C GLU B 175 -29.41 6.36 -32.06
N LYS B 176 -30.12 7.01 -31.13
CA LYS B 176 -30.41 8.48 -31.13
C LYS B 176 -29.35 9.23 -30.30
N LYS B 177 -28.14 8.69 -30.19
CA LYS B 177 -26.97 9.31 -29.49
C LYS B 177 -27.38 10.00 -28.17
N LEU B 178 -28.38 9.48 -27.44
CA LEU B 178 -28.99 10.16 -26.25
C LEU B 178 -28.33 9.75 -24.92
N ILE B 179 -27.34 8.83 -24.92
CA ILE B 179 -26.78 8.18 -23.70
C ILE B 179 -25.41 8.75 -23.36
N LYS B 180 -25.27 9.30 -22.14
CA LYS B 180 -24.03 9.96 -21.67
C LYS B 180 -23.04 8.90 -21.19
N LYS B 181 -23.49 7.95 -20.36
CA LYS B 181 -22.71 6.79 -19.86
C LYS B 181 -23.60 5.55 -19.85
N ILE B 182 -22.95 4.37 -19.82
CA ILE B 182 -23.60 3.05 -19.59
C ILE B 182 -22.99 2.47 -18.31
N TYR B 183 -23.79 2.33 -17.25
CA TYR B 183 -23.44 1.58 -16.01
C TYR B 183 -23.76 0.09 -16.28
N PHE B 184 -22.70 -0.69 -16.55
CA PHE B 184 -22.79 -2.02 -17.19
C PHE B 184 -22.28 -3.09 -16.24
N THR B 185 -23.19 -3.88 -15.66
CA THR B 185 -22.84 -5.07 -14.85
C THR B 185 -22.51 -6.23 -15.77
N ARG B 186 -21.35 -6.88 -15.58
CA ARG B 186 -20.99 -8.12 -16.30
C ARG B 186 -21.27 -9.32 -15.36
N ILE B 187 -22.34 -10.05 -15.65
CA ILE B 187 -22.71 -11.36 -15.02
C ILE B 187 -21.84 -12.42 -15.69
N ASN B 188 -20.80 -12.97 -15.02
CA ASN B 188 -19.86 -13.95 -15.63
C ASN B 188 -20.40 -15.40 -15.48
N SER B 189 -21.63 -15.63 -15.94
CA SER B 189 -22.21 -16.98 -16.17
C SER B 189 -23.06 -16.92 -17.44
N THR B 190 -23.38 -18.08 -18.03
CA THR B 190 -24.22 -18.24 -19.24
C THR B 190 -25.68 -18.54 -18.84
N TYR B 191 -26.65 -17.91 -19.51
CA TYR B 191 -28.09 -18.19 -19.33
C TYR B 191 -28.78 -18.20 -20.70
N GLU B 192 -29.91 -18.89 -20.78
CA GLU B 192 -30.85 -18.82 -21.94
C GLU B 192 -31.45 -17.41 -21.98
N CYS B 193 -31.55 -16.81 -23.19
CA CYS B 193 -31.90 -15.38 -23.45
C CYS B 193 -32.70 -15.19 -24.77
N ASP B 194 -33.74 -14.36 -24.78
CA ASP B 194 -34.51 -13.92 -25.98
C ASP B 194 -33.95 -12.62 -26.56
N VAL B 195 -33.39 -11.77 -25.68
CA VAL B 195 -33.15 -10.33 -25.97
C VAL B 195 -31.74 -9.94 -25.52
N PHE B 196 -31.12 -9.04 -26.27
CA PHE B 196 -29.68 -8.68 -26.18
C PHE B 196 -29.50 -7.16 -26.18
N PHE B 197 -28.45 -6.71 -25.51
CA PHE B 197 -27.93 -5.31 -25.57
C PHE B 197 -27.31 -5.14 -26.94
N PRO B 198 -27.46 -3.97 -27.61
CA PRO B 198 -26.78 -3.73 -28.88
C PRO B 198 -25.25 -3.79 -28.76
N GLU B 199 -24.58 -4.07 -29.88
CA GLU B 199 -23.10 -4.09 -29.97
C GLU B 199 -22.60 -2.65 -29.78
N ILE B 200 -21.96 -2.36 -28.64
CA ILE B 200 -21.46 -1.00 -28.31
C ILE B 200 -20.21 -0.71 -29.15
N ASN B 201 -20.28 0.24 -30.09
CA ASN B 201 -19.17 0.65 -31.00
C ASN B 201 -17.98 1.15 -30.16
N GLU B 202 -16.85 0.43 -30.22
CA GLU B 202 -15.56 0.80 -29.55
C GLU B 202 -15.24 2.29 -29.81
N ASN B 203 -15.81 2.87 -30.89
CA ASN B 203 -15.55 4.26 -31.34
C ASN B 203 -16.60 5.20 -30.72
N GLU B 204 -17.85 4.78 -30.65
CA GLU B 204 -18.91 5.56 -29.93
C GLU B 204 -18.49 5.68 -28.46
N TYR B 205 -18.27 4.54 -27.77
CA TYR B 205 -18.10 4.46 -26.29
C TYR B 205 -16.73 3.88 -25.91
N GLN B 206 -16.31 4.15 -24.68
CA GLN B 206 -15.03 3.64 -24.11
C GLN B 206 -15.20 3.44 -22.59
N ILE B 207 -14.56 2.42 -22.03
CA ILE B 207 -14.62 2.09 -20.57
C ILE B 207 -13.65 3.00 -19.82
N ILE B 208 -14.12 3.70 -18.79
CA ILE B 208 -13.25 4.57 -17.93
C ILE B 208 -13.14 3.98 -16.52
N SER B 209 -13.88 2.93 -16.18
CA SER B 209 -13.83 2.40 -14.79
C SER B 209 -14.27 0.94 -14.72
N VAL B 210 -13.55 0.16 -13.89
CA VAL B 210 -13.73 -1.30 -13.66
C VAL B 210 -13.74 -1.50 -12.14
N SER B 211 -14.76 -2.16 -11.61
CA SER B 211 -14.92 -2.40 -10.15
C SER B 211 -14.04 -3.60 -9.73
N ASP B 212 -14.03 -3.85 -8.43
CA ASP B 212 -13.61 -5.12 -7.79
C ASP B 212 -14.52 -6.24 -8.34
N VAL B 213 -14.04 -7.48 -8.28
CA VAL B 213 -14.78 -8.68 -8.73
C VAL B 213 -15.43 -9.28 -7.49
N TYR B 214 -16.68 -9.77 -7.65
CA TYR B 214 -17.55 -10.20 -6.54
C TYR B 214 -18.20 -11.54 -6.87
N THR B 215 -18.55 -12.32 -5.84
CA THR B 215 -19.42 -13.51 -5.96
C THR B 215 -20.79 -13.14 -5.37
N SER B 216 -21.87 -13.29 -6.14
CA SER B 216 -23.26 -13.20 -5.67
C SER B 216 -24.05 -14.33 -6.32
N ASN B 217 -24.74 -15.14 -5.50
CA ASN B 217 -25.66 -16.21 -5.99
C ASN B 217 -24.93 -17.06 -7.03
N ASN B 218 -23.76 -17.58 -6.63
CA ASN B 218 -23.10 -18.68 -7.37
C ASN B 218 -22.64 -18.19 -8.75
N THR B 219 -22.39 -16.89 -8.93
CA THR B 219 -21.69 -16.32 -10.12
C THR B 219 -20.73 -15.21 -9.66
N THR B 220 -19.60 -15.07 -10.37
CA THR B 220 -18.77 -13.84 -10.31
C THR B 220 -19.43 -12.80 -11.21
N LEU B 221 -19.21 -11.53 -10.86
CA LEU B 221 -19.70 -10.35 -11.59
C LEU B 221 -18.78 -9.17 -11.24
N ASP B 222 -18.67 -8.21 -12.15
CA ASP B 222 -18.10 -6.88 -11.85
C ASP B 222 -19.02 -5.81 -12.46
N PHE B 223 -18.69 -4.54 -12.20
CA PHE B 223 -19.39 -3.32 -12.66
C PHE B 223 -18.41 -2.45 -13.43
N ILE B 224 -18.75 -2.10 -14.67
CA ILE B 224 -17.91 -1.17 -15.48
C ILE B 224 -18.75 0.01 -15.98
N ILE B 225 -18.04 1.08 -16.32
CA ILE B 225 -18.67 2.33 -16.80
C ILE B 225 -18.15 2.63 -18.20
N TYR B 226 -19.06 2.65 -19.18
CA TYR B 226 -18.83 3.25 -20.51
C TYR B 226 -19.17 4.75 -20.42
N LYS B 227 -18.31 5.59 -21.01
CA LYS B 227 -18.53 7.04 -21.22
C LYS B 227 -18.47 7.33 -22.73
N LYS B 228 -19.45 8.06 -23.26
CA LYS B 228 -19.49 8.55 -24.67
C LYS B 228 -18.18 9.32 -24.95
N THR B 229 -17.55 9.08 -26.10
CA THR B 229 -16.19 9.59 -26.42
C THR B 229 -16.32 11.08 -26.82
N ASN B 230 -15.48 11.95 -26.22
CA ASN B 230 -15.48 13.44 -26.33
C ASN B 230 -15.15 13.89 -27.77
N ASN B 231 -14.47 13.05 -28.56
CA ASN B 231 -14.09 13.28 -29.99
C ASN B 231 -15.12 12.63 -30.96
N LYS B 232 -15.26 11.29 -30.96
CA LYS B 232 -16.18 10.49 -31.80
C LYS B 232 -15.87 10.73 -33.29
N ASP B 283 -12.50 23.27 2.41
CA ASP B 283 -11.09 23.41 2.85
C ASP B 283 -10.15 23.15 1.67
N ASP B 284 -9.78 24.20 0.93
CA ASP B 284 -8.65 24.15 -0.05
C ASP B 284 -7.39 24.65 0.69
N GLU B 285 -7.52 24.91 2.00
CA GLU B 285 -6.38 25.33 2.86
C GLU B 285 -5.34 24.21 2.81
N GLU B 286 -5.79 22.99 3.07
CA GLU B 286 -4.91 21.79 3.09
C GLU B 286 -4.71 21.23 1.66
N GLU B 287 -5.28 21.84 0.60
CA GLU B 287 -4.97 21.48 -0.82
C GLU B 287 -3.57 22.00 -1.18
N ASP B 288 -3.22 23.21 -0.71
CA ASP B 288 -1.86 23.78 -0.85
C ASP B 288 -0.86 23.03 0.06
N ASP B 289 -1.24 22.69 1.29
CA ASP B 289 -0.35 21.92 2.20
C ASP B 289 0.16 20.66 1.48
N PHE B 290 -0.72 19.98 0.72
CA PHE B 290 -0.39 18.75 -0.05
C PHE B 290 0.76 19.05 -1.00
N VAL B 291 0.68 20.18 -1.70
CA VAL B 291 1.68 20.57 -2.75
C VAL B 291 3.02 20.82 -2.05
N TYR B 292 3.02 21.39 -0.86
CA TYR B 292 4.29 21.73 -0.14
C TYR B 292 5.04 20.42 0.14
N PHE B 293 4.34 19.35 0.55
CA PHE B 293 4.97 18.05 0.90
C PHE B 293 5.51 17.40 -0.39
N ASN B 294 5.07 17.82 -1.58
CA ASN B 294 5.64 17.33 -2.86
C ASN B 294 6.80 18.20 -3.36
N PHE B 295 7.35 19.11 -2.54
CA PHE B 295 8.36 20.11 -2.96
C PHE B 295 9.64 19.44 -3.45
N ASN B 296 9.85 18.17 -3.07
CA ASN B 296 11.13 17.45 -3.30
C ASN B 296 10.94 16.26 -4.25
N LYS B 297 9.74 16.05 -4.79
CA LYS B 297 9.49 14.97 -5.78
C LYS B 297 10.23 15.31 -7.08
N GLU B 298 10.71 14.27 -7.78
CA GLU B 298 11.22 14.36 -9.18
C GLU B 298 10.02 14.25 -10.12
N LYS B 299 10.03 15.07 -11.17
CA LYS B 299 8.85 15.36 -12.03
C LYS B 299 8.84 14.35 -13.22
N GLU B 300 9.74 14.56 -14.21
CA GLU B 300 9.97 13.65 -15.38
C GLU B 300 11.27 12.84 -15.16
N GLU B 301 12.08 13.20 -14.13
CA GLU B 301 13.35 12.53 -13.70
C GLU B 301 13.04 11.19 -12.99
N LYS B 302 11.91 11.08 -12.27
CA LYS B 302 11.49 9.85 -11.52
C LYS B 302 10.72 8.89 -12.46
N ASN B 303 9.89 9.43 -13.38
CA ASN B 303 9.37 8.65 -14.53
C ASN B 303 10.57 8.35 -15.45
N LYS B 304 11.63 7.75 -14.88
CA LYS B 304 13.06 7.79 -15.36
C LYS B 304 13.32 6.85 -16.55
N ASN B 305 12.44 5.89 -16.84
CA ASN B 305 12.56 5.03 -18.05
C ASN B 305 11.70 5.69 -19.13
N SER B 306 12.19 5.75 -20.37
CA SER B 306 11.43 6.16 -21.59
C SER B 306 10.85 4.89 -22.22
N ILE B 307 9.85 4.35 -21.52
CA ILE B 307 8.92 3.30 -22.04
C ILE B 307 7.81 4.04 -22.83
N HIS B 308 7.72 5.38 -22.71
CA HIS B 308 6.71 6.25 -23.39
C HIS B 308 5.30 5.94 -22.92
N PRO B 309 4.89 6.45 -21.73
CA PRO B 309 3.55 6.20 -21.18
C PRO B 309 2.34 6.43 -22.12
N ASN B 310 2.47 7.25 -23.19
CA ASN B 310 1.41 7.55 -24.19
C ASN B 310 1.09 6.33 -25.06
N ASP B 311 1.93 5.30 -25.03
CA ASP B 311 1.60 3.94 -25.51
C ASP B 311 0.56 3.28 -24.61
N PHE B 312 0.49 3.63 -23.31
CA PHE B 312 -0.56 3.15 -22.38
C PHE B 312 -1.76 4.11 -22.30
N GLN B 313 -2.34 4.53 -23.43
CA GLN B 313 -3.46 5.51 -23.40
C GLN B 313 -4.62 4.88 -22.63
N ILE B 314 -5.03 3.65 -22.98
CA ILE B 314 -6.19 2.95 -22.37
C ILE B 314 -5.92 2.81 -20.86
N TYR B 315 -4.73 2.30 -20.49
CA TYR B 315 -4.34 2.04 -19.09
C TYR B 315 -4.47 3.34 -18.32
N ASN B 316 -4.00 4.46 -18.89
CA ASN B 316 -3.92 5.78 -18.19
C ASN B 316 -5.26 6.55 -18.32
N SER B 317 -6.10 6.19 -19.27
CA SER B 317 -7.42 6.83 -19.51
C SER B 317 -8.49 6.27 -18.56
N LEU B 318 -8.22 5.20 -17.81
CA LEU B 318 -9.22 4.68 -16.85
C LEU B 318 -9.08 5.49 -15.56
N LYS B 319 -10.19 5.87 -14.93
CA LYS B 319 -10.20 6.66 -13.67
C LYS B 319 -10.04 5.69 -12.51
N TYR B 320 -10.91 4.67 -12.45
CA TYR B 320 -11.05 3.69 -11.35
C TYR B 320 -10.66 2.29 -11.84
N LYS B 321 -9.53 1.82 -11.33
CA LYS B 321 -8.93 0.52 -11.66
C LYS B 321 -8.98 -0.38 -10.42
N TYR B 322 -10.17 -0.82 -10.04
CA TYR B 322 -10.42 -1.59 -8.79
C TYR B 322 -10.46 -3.12 -9.07
N HIS B 323 -10.39 -3.57 -10.33
CA HIS B 323 -10.29 -5.00 -10.66
C HIS B 323 -9.00 -5.54 -10.07
N PRO B 324 -9.05 -6.64 -9.28
CA PRO B 324 -7.87 -7.19 -8.63
C PRO B 324 -6.70 -7.49 -9.58
N GLU B 325 -6.97 -7.79 -10.85
CA GLU B 325 -5.91 -7.91 -11.91
C GLU B 325 -5.03 -6.66 -11.96
N TYR B 326 -5.51 -5.49 -11.56
CA TYR B 326 -4.68 -4.25 -11.55
C TYR B 326 -3.59 -4.38 -10.50
N GLN B 327 -3.72 -5.25 -9.52
CA GLN B 327 -2.61 -5.46 -8.56
C GLN B 327 -1.39 -5.97 -9.34
N TYR B 328 -1.59 -6.84 -10.32
CA TYR B 328 -0.51 -7.37 -11.17
C TYR B 328 -0.06 -6.27 -12.14
N LEU B 329 -0.97 -5.69 -12.92
CA LEU B 329 -0.67 -4.72 -14.02
C LEU B 329 0.02 -3.47 -13.47
N ASN B 330 -0.39 -3.01 -12.28
CA ASN B 330 0.19 -1.78 -11.68
C ASN B 330 1.64 -2.07 -11.32
N ILE B 331 1.94 -3.29 -10.86
CA ILE B 331 3.34 -3.65 -10.50
C ILE B 331 4.22 -3.61 -11.76
N ILE B 332 3.71 -4.15 -12.86
CA ILE B 332 4.38 -4.09 -14.19
C ILE B 332 4.55 -2.64 -14.58
N TYR B 333 3.50 -1.83 -14.45
CA TYR B 333 3.58 -0.37 -14.76
C TYR B 333 4.67 0.25 -13.90
N ASP B 334 4.76 -0.14 -12.62
CA ASP B 334 5.74 0.43 -11.65
C ASP B 334 7.17 0.06 -12.08
N ILE B 335 7.42 -1.19 -12.36
CA ILE B 335 8.79 -1.65 -12.72
C ILE B 335 9.19 -1.04 -14.07
N MET B 336 8.27 -0.90 -15.02
CA MET B 336 8.54 -0.18 -16.29
C MET B 336 8.91 1.30 -16.05
N MET B 337 8.15 2.03 -15.23
CA MET B 337 8.39 3.49 -15.07
C MET B 337 9.62 3.74 -14.20
N ASN B 338 9.82 2.94 -13.16
CA ASN B 338 10.68 3.29 -12.01
C ASN B 338 11.72 2.19 -11.77
N GLY B 339 11.70 1.13 -12.57
CA GLY B 339 12.60 -0.03 -12.42
C GLY B 339 14.05 0.31 -12.67
N ASN B 340 14.92 -0.48 -12.06
CA ASN B 340 16.39 -0.33 -12.13
C ASN B 340 16.89 -1.25 -13.23
N LYS B 341 17.61 -0.71 -14.21
CA LYS B 341 18.26 -1.51 -15.27
C LYS B 341 19.36 -2.36 -14.65
N GLN B 342 19.32 -3.67 -14.86
CA GLN B 342 20.32 -4.65 -14.38
C GLN B 342 20.56 -5.69 -15.46
N SER B 343 21.79 -6.23 -15.51
CA SER B 343 22.18 -7.54 -16.12
C SER B 343 21.63 -8.68 -15.25
N ASP B 344 21.67 -9.91 -15.77
CA ASP B 344 21.39 -11.11 -14.95
C ASP B 344 22.12 -12.32 -15.58
N ARG B 345 21.98 -13.46 -14.90
CA ARG B 345 22.76 -14.73 -15.14
C ARG B 345 22.37 -15.29 -16.52
N THR B 346 21.22 -14.88 -17.10
CA THR B 346 20.82 -15.23 -18.49
C THR B 346 21.43 -14.20 -19.47
N GLY B 347 21.75 -12.98 -19.01
CA GLY B 347 22.50 -11.98 -19.80
C GLY B 347 21.60 -11.00 -20.57
N VAL B 348 20.36 -11.38 -20.88
CA VAL B 348 19.26 -10.46 -21.29
C VAL B 348 19.15 -9.37 -20.20
N GLY B 349 18.59 -8.21 -20.50
CA GLY B 349 18.37 -7.18 -19.47
C GLY B 349 17.18 -7.47 -18.56
N VAL B 350 17.10 -6.80 -17.41
CA VAL B 350 15.83 -6.66 -16.62
C VAL B 350 15.68 -5.22 -16.15
N LEU B 351 14.44 -4.90 -15.85
CA LEU B 351 14.05 -3.76 -15.00
C LEU B 351 13.63 -4.43 -13.70
N SER B 352 14.14 -4.01 -12.56
CA SER B 352 13.92 -4.71 -11.26
C SER B 352 13.53 -3.69 -10.19
N LYS B 353 12.60 -4.08 -9.31
CA LYS B 353 12.31 -3.38 -8.03
C LYS B 353 12.30 -4.46 -6.95
N PHE B 354 12.22 -4.07 -5.68
CA PHE B 354 12.39 -4.97 -4.51
C PHE B 354 11.26 -4.75 -3.51
N GLY B 355 10.43 -5.78 -3.29
CA GLY B 355 9.39 -5.77 -2.24
C GLY B 355 8.06 -5.24 -2.75
N TYR B 356 7.12 -6.13 -3.09
CA TYR B 356 5.68 -5.84 -3.36
C TYR B 356 4.81 -6.86 -2.66
N ILE B 357 3.55 -6.55 -2.42
CA ILE B 357 2.52 -7.49 -1.91
C ILE B 357 1.34 -7.44 -2.88
N MET B 358 0.81 -8.58 -3.29
CA MET B 358 -0.56 -8.69 -3.87
C MET B 358 -1.44 -9.52 -2.91
N LYS B 359 -2.72 -9.16 -2.79
CA LYS B 359 -3.74 -9.93 -2.04
C LYS B 359 -4.90 -10.24 -2.98
N PHE B 360 -5.34 -11.49 -3.05
CA PHE B 360 -6.51 -11.92 -3.86
C PHE B 360 -7.50 -12.58 -2.89
N ASP B 361 -8.76 -12.20 -3.00
CA ASP B 361 -9.83 -12.68 -2.10
C ASP B 361 -10.41 -13.92 -2.77
N LEU B 362 -9.91 -15.09 -2.39
CA LEU B 362 -10.31 -16.38 -3.01
C LEU B 362 -11.78 -16.70 -2.78
N SER B 363 -12.43 -16.07 -1.81
CA SER B 363 -13.86 -16.31 -1.47
C SER B 363 -14.75 -15.63 -2.51
N GLN B 364 -14.21 -14.71 -3.29
CA GLN B 364 -14.99 -13.91 -4.28
C GLN B 364 -14.61 -14.30 -5.71
N TYR B 365 -13.43 -14.88 -5.93
CA TYR B 365 -12.96 -15.16 -7.31
C TYR B 365 -11.69 -16.01 -7.30
N PHE B 366 -11.42 -16.62 -8.48
CA PHE B 366 -10.14 -17.30 -8.78
C PHE B 366 -9.30 -16.37 -9.64
N PRO B 367 -8.15 -15.88 -9.14
CA PRO B 367 -7.43 -14.80 -9.82
C PRO B 367 -6.59 -15.27 -11.02
N LEU B 368 -7.23 -15.90 -12.00
CA LEU B 368 -6.52 -16.30 -13.23
C LEU B 368 -6.49 -15.08 -14.15
N LEU B 369 -5.30 -14.56 -14.52
CA LEU B 369 -5.22 -13.33 -15.36
C LEU B 369 -6.15 -13.48 -16.57
N THR B 370 -6.84 -12.39 -16.91
CA THR B 370 -7.77 -12.33 -18.05
C THR B 370 -7.19 -11.51 -19.18
N THR B 371 -6.12 -10.74 -18.94
CA THR B 371 -5.55 -9.84 -19.99
C THR B 371 -4.66 -10.63 -20.96
N LYS B 372 -4.62 -11.95 -20.81
CA LYS B 372 -4.03 -12.90 -21.80
C LYS B 372 -4.52 -14.31 -21.44
N LYS B 373 -4.24 -15.32 -22.27
CA LYS B 373 -4.76 -16.68 -22.02
C LYS B 373 -3.75 -17.40 -21.14
N LEU B 374 -4.20 -18.05 -20.06
CA LEU B 374 -3.33 -18.93 -19.24
C LEU B 374 -3.87 -20.36 -19.29
N PHE B 375 -2.95 -21.32 -19.34
CA PHE B 375 -3.24 -22.77 -19.34
C PHE B 375 -2.82 -23.33 -17.98
N LEU B 376 -3.57 -24.26 -17.40
CA LEU B 376 -3.32 -24.66 -16.00
C LEU B 376 -3.00 -26.16 -15.85
N ARG B 377 -3.15 -27.01 -16.87
CA ARG B 377 -2.94 -28.48 -16.68
C ARG B 377 -1.52 -28.68 -16.12
N GLY B 378 -0.52 -28.06 -16.76
CA GLY B 378 0.89 -28.22 -16.39
C GLY B 378 1.15 -27.84 -14.95
N ILE B 379 0.68 -26.65 -14.53
CA ILE B 379 0.98 -26.15 -13.17
C ILE B 379 0.25 -27.04 -12.14
N ILE B 380 -0.90 -27.60 -12.48
CA ILE B 380 -1.60 -28.49 -11.53
C ILE B 380 -0.77 -29.78 -11.37
N GLU B 381 -0.34 -30.36 -12.49
CA GLU B 381 0.52 -31.57 -12.50
C GLU B 381 1.81 -31.29 -11.70
N GLU B 382 2.41 -30.11 -11.84
CA GLU B 382 3.60 -29.69 -11.04
C GLU B 382 3.26 -29.79 -9.55
N LEU B 383 2.14 -29.21 -9.18
CA LEU B 383 1.67 -29.19 -7.77
C LEU B 383 1.45 -30.63 -7.28
N LEU B 384 0.86 -31.51 -8.09
CA LEU B 384 0.54 -32.89 -7.62
C LEU B 384 1.86 -33.63 -7.44
N TRP B 385 2.81 -33.35 -8.32
CA TRP B 385 4.19 -33.91 -8.32
C TRP B 385 4.91 -33.48 -7.04
N PHE B 386 4.78 -32.21 -6.64
CA PHE B 386 5.32 -31.69 -5.37
C PHE B 386 4.76 -32.50 -4.21
N ILE B 387 3.41 -32.62 -4.18
CA ILE B 387 2.66 -33.21 -3.03
C ILE B 387 3.11 -34.66 -2.89
N ARG B 388 3.32 -35.34 -4.02
CA ARG B 388 3.85 -36.74 -4.02
C ARG B 388 5.30 -36.76 -3.50
N GLY B 389 6.00 -35.62 -3.42
CA GLY B 389 7.40 -35.54 -2.97
C GLY B 389 8.40 -35.94 -4.06
N GLU B 390 7.98 -35.96 -5.33
CA GLU B 390 8.81 -36.47 -6.46
C GLU B 390 9.90 -35.46 -6.80
N THR B 391 11.06 -35.92 -7.25
CA THR B 391 12.13 -35.05 -7.80
C THR B 391 12.50 -35.50 -9.21
N ASN B 392 11.78 -36.46 -9.74
CA ASN B 392 12.01 -37.10 -11.05
C ASN B 392 11.38 -36.23 -12.16
N GLY B 393 12.20 -35.45 -12.87
CA GLY B 393 11.81 -34.70 -14.07
C GLY B 393 11.02 -35.52 -15.09
N ASN B 394 11.23 -36.84 -15.18
CA ASN B 394 10.75 -37.66 -16.32
C ASN B 394 9.24 -37.82 -16.17
N THR B 395 8.78 -37.94 -14.95
CA THR B 395 7.33 -38.07 -14.62
C THR B 395 6.57 -36.96 -15.33
N LEU B 396 7.08 -35.72 -15.22
CA LEU B 396 6.46 -34.53 -15.85
C LEU B 396 6.65 -34.60 -17.35
N LEU B 397 7.87 -34.89 -17.83
CA LEU B 397 8.19 -34.95 -19.29
C LEU B 397 7.23 -35.94 -19.96
N ASN B 398 6.92 -37.07 -19.33
CA ASN B 398 6.06 -38.12 -19.95
C ASN B 398 4.58 -37.72 -19.97
N LYS B 399 4.20 -36.65 -19.26
CA LYS B 399 2.85 -36.04 -19.24
C LYS B 399 2.85 -34.76 -20.08
N ASN B 400 3.95 -34.48 -20.77
CA ASN B 400 4.16 -33.28 -21.63
C ASN B 400 4.04 -32.00 -20.78
N VAL B 401 4.58 -32.05 -19.57
CA VAL B 401 4.80 -30.84 -18.71
C VAL B 401 6.30 -30.56 -18.70
N ARG B 402 6.73 -29.45 -19.31
CA ARG B 402 8.14 -29.21 -19.74
C ARG B 402 8.67 -28.00 -18.96
N ILE B 403 7.98 -27.65 -17.88
CA ILE B 403 8.37 -26.55 -16.95
C ILE B 403 9.82 -26.74 -16.52
N TRP B 404 10.24 -27.96 -16.15
CA TRP B 404 11.57 -28.29 -15.53
C TRP B 404 12.54 -28.94 -16.52
N GLU B 405 12.24 -28.97 -17.81
CA GLU B 405 13.05 -29.71 -18.80
C GLU B 405 14.44 -29.09 -18.89
N ALA B 406 14.48 -27.78 -19.13
CA ALA B 406 15.75 -27.04 -19.31
C ALA B 406 16.60 -27.23 -18.05
N ASN B 407 15.98 -27.33 -16.88
CA ASN B 407 16.71 -27.41 -15.59
C ASN B 407 17.26 -28.83 -15.35
N GLY B 408 16.93 -29.80 -16.20
CA GLY B 408 17.32 -31.21 -16.03
C GLY B 408 18.31 -31.68 -17.09
N THR B 409 18.73 -30.84 -18.03
CA THR B 409 19.62 -31.29 -19.15
C THR B 409 21.02 -31.60 -18.59
N ARG B 410 21.76 -32.47 -19.27
CA ARG B 410 23.21 -32.76 -19.01
C ARG B 410 23.96 -31.43 -18.86
N GLU B 411 23.79 -30.53 -19.82
CA GLU B 411 24.51 -29.23 -19.92
C GLU B 411 24.13 -28.37 -18.71
N PHE B 412 22.86 -28.28 -18.38
CA PHE B 412 22.42 -27.44 -17.23
C PHE B 412 22.99 -27.99 -15.92
N LEU B 413 22.85 -29.29 -15.66
CA LEU B 413 23.35 -29.90 -14.41
C LEU B 413 24.87 -29.73 -14.33
N ASP B 414 25.57 -29.90 -15.45
CA ASP B 414 27.04 -29.83 -15.52
C ASP B 414 27.44 -28.40 -15.14
N ASN B 415 26.75 -27.40 -15.67
CA ASN B 415 27.11 -25.97 -15.43
C ASN B 415 26.82 -25.63 -13.99
N ARG B 416 25.99 -26.45 -13.35
CA ARG B 416 25.63 -26.34 -11.91
C ARG B 416 26.59 -27.17 -11.03
N LYS B 417 27.63 -27.76 -11.64
CA LYS B 417 28.64 -28.65 -11.01
C LYS B 417 27.99 -29.94 -10.51
N LEU B 418 26.86 -30.35 -11.11
CA LEU B 418 26.17 -31.63 -10.75
C LEU B 418 26.57 -32.68 -11.78
N PHE B 419 27.87 -32.97 -11.83
CA PHE B 419 28.48 -33.82 -12.88
C PHE B 419 28.02 -35.25 -12.63
N HIS B 420 27.62 -35.55 -11.39
CA HIS B 420 27.30 -36.92 -10.92
C HIS B 420 25.80 -37.11 -10.80
N ARG B 421 25.03 -36.24 -11.43
CA ARG B 421 23.54 -36.22 -11.34
C ARG B 421 23.00 -36.69 -12.69
N GLU B 422 22.15 -37.71 -12.70
CA GLU B 422 21.42 -38.17 -13.90
C GLU B 422 20.49 -37.07 -14.46
N VAL B 423 20.35 -37.04 -15.77
CA VAL B 423 19.45 -36.12 -16.52
C VAL B 423 18.07 -36.16 -15.88
N ASN B 424 17.47 -35.01 -15.65
CA ASN B 424 16.09 -34.84 -15.15
C ASN B 424 15.96 -35.36 -13.72
N ASP B 425 17.07 -35.72 -13.05
CA ASP B 425 17.12 -35.89 -11.58
C ASP B 425 17.39 -34.50 -10.96
N LEU B 426 16.35 -33.78 -10.51
CA LEU B 426 16.46 -32.35 -10.16
C LEU B 426 17.03 -32.18 -8.74
N GLY B 427 17.34 -33.27 -8.05
CA GLY B 427 17.89 -33.21 -6.67
C GLY B 427 16.82 -32.87 -5.64
N PRO B 428 17.23 -32.45 -4.41
CA PRO B 428 16.31 -32.23 -3.29
C PRO B 428 15.51 -30.91 -3.36
N ILE B 429 14.71 -30.78 -4.41
CA ILE B 429 13.83 -29.60 -4.71
C ILE B 429 12.49 -29.73 -3.97
N TYR B 430 11.58 -28.81 -4.25
CA TYR B 430 10.26 -28.65 -3.60
C TYR B 430 9.73 -29.96 -3.02
N GLY B 431 9.31 -30.88 -3.88
CA GLY B 431 8.68 -32.13 -3.41
C GLY B 431 9.48 -32.81 -2.30
N PHE B 432 10.81 -32.91 -2.43
CA PHE B 432 11.67 -33.62 -1.46
C PHE B 432 11.65 -32.85 -0.13
N GLN B 433 11.72 -31.52 -0.15
CA GLN B 433 11.73 -30.68 1.07
C GLN B 433 10.36 -30.71 1.76
N TRP B 434 9.26 -30.64 1.02
CA TRP B 434 7.87 -30.71 1.59
C TRP B 434 7.62 -32.01 2.34
N ARG B 435 8.15 -33.15 1.87
CA ARG B 435 7.79 -34.50 2.42
C ARG B 435 8.97 -35.12 3.16
N HIS B 436 10.20 -34.60 3.03
CA HIS B 436 11.42 -35.26 3.57
C HIS B 436 12.50 -34.29 4.04
N PHE B 437 12.16 -33.06 4.46
CA PHE B 437 13.17 -32.01 4.78
C PHE B 437 14.17 -32.62 5.77
N GLY B 438 15.46 -32.62 5.44
CA GLY B 438 16.54 -33.06 6.35
C GLY B 438 17.04 -34.46 6.03
N ALA B 439 16.33 -35.22 5.22
CA ALA B 439 16.79 -36.56 4.78
C ALA B 439 18.00 -36.33 3.88
N GLU B 440 18.85 -37.35 3.78
CA GLU B 440 20.02 -37.35 2.88
C GLU B 440 19.53 -37.74 1.49
N TYR B 441 19.68 -36.87 0.50
CA TYR B 441 19.24 -37.13 -0.89
C TYR B 441 20.27 -38.04 -1.56
N THR B 442 19.77 -39.07 -2.23
CA THR B 442 20.59 -40.10 -2.93
C THR B 442 20.34 -39.91 -4.41
N ASN B 443 19.21 -40.40 -4.90
CA ASN B 443 18.80 -40.23 -6.32
C ASN B 443 17.27 -40.18 -6.35
N MET B 444 16.70 -39.88 -7.52
CA MET B 444 15.26 -39.58 -7.70
C MET B 444 14.46 -40.88 -7.59
N TYR B 445 15.10 -42.03 -7.45
CA TYR B 445 14.42 -43.35 -7.48
C TYR B 445 14.40 -43.99 -6.08
N ASP B 446 15.19 -43.47 -5.15
CA ASP B 446 15.33 -44.08 -3.81
C ASP B 446 14.00 -43.95 -3.06
N ASN B 447 13.77 -44.86 -2.13
CA ASN B 447 12.58 -44.91 -1.26
C ASN B 447 12.92 -44.07 -0.01
N TYR B 448 12.21 -42.97 0.17
CA TYR B 448 12.51 -42.01 1.27
C TYR B 448 11.41 -42.12 2.35
N GLU B 449 10.56 -43.13 2.26
CA GLU B 449 9.36 -43.23 3.13
C GLU B 449 9.83 -43.11 4.58
N ASN B 450 9.18 -42.22 5.36
CA ASN B 450 9.43 -42.00 6.81
C ASN B 450 10.87 -41.53 7.04
N LYS B 451 11.43 -40.78 6.09
CA LYS B 451 12.76 -40.13 6.22
C LYS B 451 12.59 -38.60 6.12
N GLY B 452 13.23 -37.86 7.01
CA GLY B 452 13.13 -36.40 7.06
C GLY B 452 11.78 -35.93 7.57
N VAL B 453 11.58 -34.62 7.64
CA VAL B 453 10.36 -34.03 8.25
C VAL B 453 9.30 -33.86 7.17
N ASP B 454 8.12 -34.44 7.38
CA ASP B 454 6.98 -34.35 6.44
C ASP B 454 6.20 -33.07 6.78
N GLN B 455 6.71 -31.95 6.27
CA GLN B 455 6.17 -30.58 6.50
C GLN B 455 4.72 -30.49 6.03
N LEU B 456 4.41 -31.02 4.86
CA LEU B 456 3.03 -31.01 4.34
C LEU B 456 2.07 -31.68 5.35
N LYS B 457 2.43 -32.86 5.86
CA LYS B 457 1.63 -33.59 6.89
C LYS B 457 1.50 -32.66 8.11
N ASN B 458 2.61 -32.06 8.51
CA ASN B 458 2.70 -31.25 9.74
C ASN B 458 1.81 -30.00 9.59
N ILE B 459 1.80 -29.33 8.44
CA ILE B 459 1.05 -28.04 8.38
C ILE B 459 -0.43 -28.38 8.43
N ILE B 460 -0.83 -29.51 7.85
CA ILE B 460 -2.25 -29.89 7.79
C ILE B 460 -2.69 -30.23 9.22
N ASN B 461 -1.91 -31.01 9.95
CA ASN B 461 -2.22 -31.37 11.36
C ASN B 461 -2.29 -30.09 12.20
N LEU B 462 -1.41 -29.10 12.00
CA LEU B 462 -1.44 -27.83 12.77
C LEU B 462 -2.70 -27.03 12.43
N ILE B 463 -3.08 -27.01 11.16
CA ILE B 463 -4.28 -26.27 10.72
C ILE B 463 -5.49 -26.85 11.45
N LYS B 464 -5.66 -28.18 11.43
CA LYS B 464 -6.78 -28.91 12.08
C LYS B 464 -6.71 -28.88 13.62
N ASN B 465 -5.55 -29.03 14.24
CA ASN B 465 -5.43 -29.16 15.72
C ASN B 465 -5.02 -27.85 16.43
N ASP B 466 -4.33 -26.90 15.77
CA ASP B 466 -3.77 -25.70 16.44
C ASP B 466 -3.91 -24.49 15.51
N PRO B 467 -5.14 -24.15 15.09
CA PRO B 467 -5.32 -23.26 13.94
C PRO B 467 -4.79 -21.85 14.20
N THR B 468 -4.65 -21.43 15.47
CA THR B 468 -4.18 -20.08 15.88
C THR B 468 -2.66 -20.06 16.03
N SER B 469 -1.99 -21.16 15.65
CA SER B 469 -0.52 -21.26 15.60
C SER B 469 0.05 -20.24 14.61
N ARG B 470 1.18 -19.66 14.97
CA ARG B 470 1.92 -18.71 14.10
C ARG B 470 3.16 -19.40 13.53
N ARG B 471 3.13 -20.74 13.44
CA ARG B 471 4.29 -21.60 13.07
C ARG B 471 3.88 -22.55 11.95
N ILE B 472 2.79 -22.26 11.25
CA ILE B 472 2.25 -23.10 10.15
C ILE B 472 2.96 -22.60 8.88
N LEU B 473 4.22 -23.03 8.70
CA LEU B 473 5.05 -22.68 7.50
C LEU B 473 5.40 -23.95 6.77
N LEU B 474 5.45 -23.87 5.45
CA LEU B 474 6.01 -24.91 4.55
C LEU B 474 7.23 -24.24 3.90
N CYS B 475 8.44 -24.72 4.20
CA CYS B 475 9.70 -24.11 3.72
C CYS B 475 10.45 -25.08 2.80
N ALA B 476 10.74 -24.61 1.57
CA ALA B 476 11.52 -25.28 0.50
C ALA B 476 12.99 -24.84 0.51
N TRP B 477 13.31 -23.68 1.09
CA TRP B 477 14.69 -23.14 1.18
C TRP B 477 15.50 -23.88 2.25
N ASN B 478 15.98 -25.07 1.89
CA ASN B 478 16.85 -25.91 2.74
C ASN B 478 18.29 -25.52 2.43
N VAL B 479 18.87 -24.65 3.25
CA VAL B 479 20.21 -24.04 3.03
C VAL B 479 21.23 -25.15 2.75
N LYS B 480 21.08 -26.28 3.42
CA LYS B 480 22.09 -27.37 3.36
C LYS B 480 22.08 -28.02 1.97
N ASP B 481 20.91 -28.00 1.32
CA ASP B 481 20.62 -28.81 0.11
C ASP B 481 20.69 -27.92 -1.14
N LEU B 482 20.87 -26.62 -1.02
CA LEU B 482 20.72 -25.70 -2.19
C LEU B 482 21.62 -26.12 -3.34
N ASP B 483 22.89 -26.41 -3.05
CA ASP B 483 23.91 -26.70 -4.09
C ASP B 483 23.56 -28.00 -4.82
N GLN B 484 22.88 -28.92 -4.14
CA GLN B 484 22.46 -30.21 -4.70
C GLN B 484 21.23 -30.01 -5.59
N MET B 485 20.48 -28.92 -5.47
CA MET B 485 19.25 -28.70 -6.29
C MET B 485 19.61 -28.26 -7.73
N ALA B 486 18.84 -28.68 -8.70
CA ALA B 486 19.00 -28.23 -10.10
C ALA B 486 19.07 -26.72 -10.07
N LEU B 487 18.11 -26.10 -9.37
CA LEU B 487 18.27 -24.67 -8.96
C LEU B 487 17.57 -24.45 -7.62
N PRO B 488 17.93 -23.42 -6.85
CA PRO B 488 17.22 -23.09 -5.62
C PRO B 488 15.77 -22.67 -5.85
N PRO B 489 14.89 -22.92 -4.86
CA PRO B 489 13.48 -22.62 -5.01
C PRO B 489 13.23 -21.11 -5.16
N CYS B 490 12.38 -20.71 -6.11
CA CYS B 490 11.89 -19.33 -6.27
C CYS B 490 10.83 -19.06 -5.20
N HIS B 491 10.02 -20.08 -4.92
CA HIS B 491 8.95 -20.05 -3.90
C HIS B 491 9.51 -20.48 -2.53
N ILE B 492 9.83 -19.54 -1.65
CA ILE B 492 10.66 -19.82 -0.45
C ILE B 492 9.80 -20.56 0.55
N LEU B 493 8.63 -20.00 0.86
CA LEU B 493 7.78 -20.53 1.93
C LEU B 493 6.33 -20.10 1.72
N CYS B 494 5.43 -20.83 2.39
CA CYS B 494 3.99 -20.64 2.58
C CYS B 494 3.75 -20.53 4.10
N GLN B 495 3.09 -19.47 4.55
CA GLN B 495 2.58 -19.38 5.93
C GLN B 495 1.06 -19.38 5.79
N PHE B 496 0.42 -20.02 6.76
CA PHE B 496 -1.04 -20.18 6.81
C PHE B 496 -1.59 -19.47 8.05
N TYR B 497 -2.82 -19.01 7.93
CA TYR B 497 -3.54 -18.27 8.97
C TYR B 497 -5.01 -18.69 8.92
N VAL B 498 -5.49 -19.10 10.08
CA VAL B 498 -6.88 -19.59 10.30
C VAL B 498 -7.62 -18.61 11.24
N PHE B 499 -8.69 -18.02 10.72
CA PHE B 499 -9.69 -17.28 11.50
C PHE B 499 -11.11 -17.62 11.03
N ASP B 500 -12.04 -17.86 11.96
CA ASP B 500 -13.49 -18.12 11.71
C ASP B 500 -13.71 -19.16 10.58
N GLY B 501 -13.04 -20.31 10.69
CA GLY B 501 -13.14 -21.38 9.68
C GLY B 501 -12.68 -20.93 8.29
N LYS B 502 -11.77 -19.95 8.19
CA LYS B 502 -11.25 -19.41 6.89
C LYS B 502 -9.72 -19.46 6.84
N LEU B 503 -9.17 -19.99 5.75
CA LEU B 503 -7.72 -20.22 5.56
C LEU B 503 -7.17 -19.14 4.65
N SER B 504 -6.19 -18.37 5.13
CA SER B 504 -5.38 -17.49 4.27
C SER B 504 -3.95 -18.05 4.15
N CYS B 505 -3.23 -17.67 3.08
CA CYS B 505 -1.88 -18.16 2.74
C CYS B 505 -1.02 -17.00 2.27
N ILE B 506 0.14 -16.80 2.88
CA ILE B 506 1.22 -15.93 2.35
C ILE B 506 2.23 -16.83 1.66
N MET B 507 2.60 -16.50 0.43
CA MET B 507 3.74 -17.15 -0.25
C MET B 507 4.80 -16.07 -0.50
N TYR B 508 6.02 -16.25 0.02
CA TYR B 508 7.19 -15.38 -0.25
C TYR B 508 8.00 -15.93 -1.43
N GLN B 509 8.12 -15.12 -2.50
CA GLN B 509 8.86 -15.45 -3.74
C GLN B 509 10.09 -14.55 -3.82
N ARG B 510 11.29 -15.14 -3.77
CA ARG B 510 12.57 -14.40 -3.74
C ARG B 510 12.87 -13.77 -5.11
N SER B 511 12.32 -14.36 -6.18
CA SER B 511 12.68 -13.98 -7.55
C SER B 511 11.44 -14.15 -8.41
N CYS B 512 11.04 -13.08 -9.07
CA CYS B 512 9.69 -12.94 -9.69
C CYS B 512 9.87 -12.41 -11.11
N ASP B 513 9.64 -13.29 -12.09
CA ASP B 513 9.56 -12.93 -13.54
C ASP B 513 8.12 -12.51 -13.79
N LEU B 514 7.84 -11.23 -13.69
CA LEU B 514 6.47 -10.72 -14.02
C LEU B 514 6.26 -10.95 -15.50
N GLY B 515 5.08 -11.18 -15.97
CA GLY B 515 5.12 -11.36 -17.45
C GLY B 515 5.06 -12.82 -17.84
N LEU B 516 6.00 -13.66 -17.43
CA LEU B 516 5.90 -15.13 -17.72
C LEU B 516 5.59 -15.94 -16.47
N GLY B 517 6.39 -15.79 -15.44
CA GLY B 517 6.35 -16.59 -14.21
C GLY B 517 5.16 -16.27 -13.32
N VAL B 518 5.07 -15.03 -12.91
CA VAL B 518 4.20 -14.59 -11.78
C VAL B 518 2.74 -14.94 -12.08
N PRO B 519 2.25 -14.81 -13.32
CA PRO B 519 0.83 -15.14 -13.55
C PRO B 519 0.53 -16.60 -13.19
N PHE B 520 1.45 -17.52 -13.53
CA PHE B 520 1.32 -18.97 -13.21
C PHE B 520 1.40 -19.13 -11.69
N ASN B 521 2.26 -18.34 -11.06
CA ASN B 521 2.60 -18.52 -9.63
C ASN B 521 1.39 -18.15 -8.79
N ILE B 522 0.69 -17.09 -9.18
CA ILE B 522 -0.57 -16.69 -8.54
C ILE B 522 -1.53 -17.88 -8.65
N ALA B 523 -1.65 -18.49 -9.83
CA ALA B 523 -2.60 -19.58 -10.04
C ALA B 523 -2.20 -20.79 -9.18
N SER B 524 -0.94 -21.20 -9.21
CA SER B 524 -0.44 -22.37 -8.44
C SER B 524 -0.88 -22.34 -6.99
N TYR B 525 -0.50 -21.24 -6.32
CA TYR B 525 -0.61 -21.06 -4.86
C TYR B 525 -2.07 -20.72 -4.51
N SER B 526 -2.79 -20.11 -5.41
CA SER B 526 -4.24 -19.94 -5.19
C SER B 526 -4.87 -21.34 -5.14
N ILE B 527 -4.46 -22.23 -6.06
CA ILE B 527 -5.06 -23.60 -6.15
C ILE B 527 -4.70 -24.36 -4.85
N PHE B 528 -3.43 -24.31 -4.48
CA PHE B 528 -2.89 -24.97 -3.27
C PHE B 528 -3.70 -24.52 -2.05
N THR B 529 -3.99 -23.22 -1.93
CA THR B 529 -4.74 -22.66 -0.79
C THR B 529 -6.10 -23.37 -0.74
N HIS B 530 -6.81 -23.42 -1.87
CA HIS B 530 -8.07 -24.20 -2.01
C HIS B 530 -7.87 -25.67 -1.57
N MET B 531 -6.81 -26.34 -2.04
CA MET B 531 -6.64 -27.78 -1.73
C MET B 531 -6.43 -27.94 -0.20
N ILE B 532 -5.55 -27.17 0.42
CA ILE B 532 -5.31 -27.29 1.90
C ILE B 532 -6.62 -26.94 2.64
N ALA B 533 -7.32 -25.91 2.17
CA ALA B 533 -8.58 -25.47 2.81
C ALA B 533 -9.55 -26.64 2.78
N GLN B 534 -9.77 -27.23 1.61
CA GLN B 534 -10.75 -28.35 1.47
C GLN B 534 -10.43 -29.46 2.47
N VAL B 535 -9.19 -29.96 2.49
CA VAL B 535 -8.86 -31.19 3.27
C VAL B 535 -8.86 -30.87 4.78
N CYS B 536 -8.94 -29.59 5.14
CA CYS B 536 -8.98 -29.12 6.56
C CYS B 536 -10.38 -28.57 6.91
N ASN B 537 -11.38 -28.83 6.06
CA ASN B 537 -12.80 -28.35 6.19
C ASN B 537 -12.85 -26.87 6.57
N LEU B 538 -12.09 -26.06 5.82
CA LEU B 538 -12.06 -24.57 5.90
C LEU B 538 -12.45 -24.03 4.53
N GLN B 539 -12.85 -22.77 4.52
CA GLN B 539 -13.12 -22.00 3.28
C GLN B 539 -11.86 -21.19 2.99
N PRO B 540 -11.45 -21.09 1.71
CA PRO B 540 -10.32 -20.25 1.34
C PRO B 540 -10.76 -18.80 1.52
N ALA B 541 -9.85 -17.98 2.03
CA ALA B 541 -10.00 -16.52 2.23
C ALA B 541 -8.99 -15.83 1.31
N GLN B 542 -7.84 -15.42 1.81
CA GLN B 542 -6.89 -14.62 0.98
C GLN B 542 -5.67 -15.47 0.59
N PHE B 543 -5.24 -15.30 -0.66
CA PHE B 543 -3.87 -15.63 -1.13
C PHE B 543 -3.12 -14.31 -1.21
N ILE B 544 -1.98 -14.30 -0.52
CA ILE B 544 -1.15 -13.08 -0.35
C ILE B 544 0.24 -13.43 -0.87
N HIS B 545 0.67 -12.67 -1.87
CA HIS B 545 1.88 -12.91 -2.69
C HIS B 545 2.89 -11.80 -2.38
N VAL B 546 4.03 -12.18 -1.80
CA VAL B 546 5.10 -11.21 -1.48
C VAL B 546 6.21 -11.46 -2.48
N LEU B 547 6.58 -10.43 -3.23
CA LEU B 547 7.63 -10.48 -4.27
C LEU B 547 8.83 -9.78 -3.66
N GLY B 548 9.97 -10.48 -3.61
CA GLY B 548 11.30 -9.94 -3.29
C GLY B 548 11.87 -9.27 -4.52
N ASN B 549 12.78 -9.92 -5.23
CA ASN B 549 13.33 -9.37 -6.48
C ASN B 549 12.31 -9.47 -7.59
N ALA B 550 11.69 -8.37 -7.96
CA ALA B 550 10.56 -8.33 -8.92
C ALA B 550 11.07 -7.70 -10.20
N HIS B 551 11.11 -8.46 -11.27
CA HIS B 551 11.75 -8.02 -12.52
C HIS B 551 10.85 -8.26 -13.72
N VAL B 552 10.98 -7.36 -14.68
CA VAL B 552 10.48 -7.50 -16.08
C VAL B 552 11.70 -7.65 -16.96
N TYR B 553 11.81 -8.77 -17.68
CA TYR B 553 12.83 -9.00 -18.74
C TYR B 553 12.64 -7.97 -19.85
N ASN B 554 13.74 -7.34 -20.30
CA ASN B 554 13.63 -6.31 -21.38
C ASN B 554 12.95 -6.93 -22.63
N ASN B 555 13.12 -8.22 -22.93
CA ASN B 555 12.45 -8.93 -24.07
C ASN B 555 10.92 -9.03 -23.85
N HIS B 556 10.38 -8.67 -22.68
CA HIS B 556 8.92 -8.82 -22.39
C HIS B 556 8.16 -7.49 -22.60
N ILE B 557 8.89 -6.38 -22.67
CA ILE B 557 8.32 -5.01 -22.52
C ILE B 557 7.28 -4.76 -23.62
N ASP B 558 7.55 -5.08 -24.88
CA ASP B 558 6.60 -4.79 -25.98
C ASP B 558 5.29 -5.52 -25.68
N SER B 559 5.38 -6.79 -25.29
CA SER B 559 4.20 -7.62 -24.96
C SER B 559 3.47 -7.07 -23.73
N LEU B 560 4.16 -6.66 -22.70
CA LEU B 560 3.45 -6.15 -21.50
C LEU B 560 2.71 -4.83 -21.82
N LYS B 561 3.32 -3.96 -22.64
CA LYS B 561 2.70 -2.70 -23.11
C LYS B 561 1.36 -3.00 -23.77
N ILE B 562 1.32 -4.01 -24.64
CA ILE B 562 0.03 -4.47 -25.23
C ILE B 562 -0.89 -4.93 -24.08
N GLN B 563 -0.37 -5.62 -23.05
CA GLN B 563 -1.23 -6.26 -22.01
C GLN B 563 -1.85 -5.17 -21.15
N LEU B 564 -1.09 -4.11 -20.80
CA LEU B 564 -1.55 -3.04 -19.87
C LEU B 564 -2.74 -2.30 -20.50
N ASN B 565 -2.84 -2.29 -21.83
CA ASN B 565 -3.89 -1.55 -22.58
C ASN B 565 -5.08 -2.46 -22.81
N ARG B 566 -5.13 -3.60 -22.12
CA ARG B 566 -6.33 -4.46 -22.15
C ARG B 566 -7.04 -4.33 -20.81
N ILE B 567 -8.37 -4.33 -20.84
CA ILE B 567 -9.24 -4.20 -19.65
C ILE B 567 -9.58 -5.62 -19.20
N PRO B 568 -9.32 -5.97 -17.92
CA PRO B 568 -9.71 -7.28 -17.42
C PRO B 568 -11.21 -7.56 -17.57
N TYR B 569 -11.53 -8.84 -17.68
CA TYR B 569 -12.89 -9.41 -17.53
C TYR B 569 -13.06 -9.92 -16.11
N PRO B 570 -14.32 -10.10 -15.64
CA PRO B 570 -14.57 -10.73 -14.35
C PRO B 570 -13.86 -12.08 -14.30
N PHE B 571 -13.23 -12.39 -13.16
CA PHE B 571 -12.43 -13.62 -12.96
C PHE B 571 -13.34 -14.83 -13.06
N PRO B 572 -12.76 -15.99 -13.42
CA PRO B 572 -13.45 -17.27 -13.34
C PRO B 572 -13.56 -17.74 -11.88
N THR B 573 -14.04 -18.98 -11.69
CA THR B 573 -14.00 -19.69 -10.38
C THR B 573 -13.30 -21.04 -10.59
N LEU B 574 -12.69 -21.54 -9.53
CA LEU B 574 -12.11 -22.90 -9.42
C LEU B 574 -13.15 -23.78 -8.73
N LYS B 575 -13.48 -24.93 -9.30
CA LYS B 575 -14.26 -25.94 -8.55
C LYS B 575 -13.34 -27.16 -8.33
N LEU B 576 -13.12 -27.55 -7.07
CA LEU B 576 -12.49 -28.85 -6.75
C LEU B 576 -13.59 -29.91 -6.59
N ASN B 577 -13.30 -31.12 -7.02
CA ASN B 577 -14.10 -32.31 -6.64
C ASN B 577 -14.20 -32.32 -5.13
N PRO B 578 -15.41 -32.15 -4.54
CA PRO B 578 -15.56 -31.97 -3.09
C PRO B 578 -15.35 -33.21 -2.19
N ASP B 579 -15.32 -34.40 -2.80
CA ASP B 579 -15.13 -35.71 -2.12
C ASP B 579 -13.68 -35.87 -1.65
N ILE B 580 -12.73 -35.11 -2.19
CA ILE B 580 -11.30 -35.28 -1.85
C ILE B 580 -11.10 -34.63 -0.49
N LYS B 581 -10.52 -35.35 0.47
CA LYS B 581 -10.34 -34.87 1.88
C LYS B 581 -8.98 -35.26 2.46
N ASN B 582 -8.07 -35.83 1.65
CA ASN B 582 -6.64 -36.02 2.00
C ASN B 582 -5.85 -35.37 0.86
N ILE B 583 -4.87 -34.55 1.19
CA ILE B 583 -4.07 -33.72 0.25
C ILE B 583 -3.44 -34.61 -0.84
N GLU B 584 -3.22 -35.90 -0.54
CA GLU B 584 -2.48 -36.84 -1.44
C GLU B 584 -3.45 -37.46 -2.47
N ASP B 585 -4.78 -37.27 -2.36
CA ASP B 585 -5.77 -38.05 -3.15
C ASP B 585 -6.30 -37.22 -4.33
N PHE B 586 -5.81 -35.99 -4.54
CA PHE B 586 -6.14 -35.17 -5.73
C PHE B 586 -5.48 -35.79 -6.97
N THR B 587 -6.20 -35.69 -8.09
CA THR B 587 -5.80 -36.08 -9.45
C THR B 587 -6.24 -35.00 -10.41
N ILE B 588 -5.66 -34.96 -11.59
CA ILE B 588 -5.83 -33.83 -12.54
C ILE B 588 -7.33 -33.62 -12.83
N SER B 589 -8.15 -34.66 -12.70
CA SER B 589 -9.57 -34.58 -13.14
C SER B 589 -10.37 -33.86 -12.05
N ASP B 590 -9.78 -33.68 -10.86
CA ASP B 590 -10.47 -33.11 -9.68
C ASP B 590 -10.51 -31.56 -9.77
N PHE B 591 -9.95 -30.97 -10.82
CA PHE B 591 -9.77 -29.50 -10.92
C PHE B 591 -10.54 -28.99 -12.14
N THR B 592 -11.50 -28.09 -11.98
CA THR B 592 -12.19 -27.42 -13.12
C THR B 592 -12.12 -25.91 -12.94
N ILE B 593 -11.81 -25.17 -14.00
CA ILE B 593 -12.02 -23.70 -14.09
C ILE B 593 -13.34 -23.41 -14.78
N GLN B 594 -14.12 -22.51 -14.20
CA GLN B 594 -15.47 -22.15 -14.71
C GLN B 594 -15.47 -20.69 -15.14
N ASN B 595 -15.96 -20.45 -16.36
CA ASN B 595 -16.35 -19.11 -16.82
C ASN B 595 -15.07 -18.30 -17.03
N TYR B 596 -14.02 -18.93 -17.53
CA TYR B 596 -12.76 -18.22 -17.83
C TYR B 596 -13.02 -17.42 -19.10
N VAL B 597 -13.21 -16.10 -18.92
CA VAL B 597 -13.29 -15.10 -20.02
C VAL B 597 -11.97 -14.33 -20.03
N HIS B 598 -11.23 -14.44 -21.15
CA HIS B 598 -9.83 -13.94 -21.32
C HIS B 598 -9.64 -13.25 -22.67
N HIS B 599 -8.71 -12.29 -22.71
CA HIS B 599 -8.16 -11.71 -23.96
C HIS B 599 -7.30 -12.76 -24.69
N GLU B 600 -6.92 -12.41 -25.92
CA GLU B 600 -6.06 -13.22 -26.80
C GLU B 600 -4.78 -13.58 -26.04
N LYS B 601 -4.29 -14.80 -26.22
CA LYS B 601 -2.90 -15.20 -25.83
C LYS B 601 -1.92 -14.15 -26.35
N ILE B 602 -0.83 -13.95 -25.63
CA ILE B 602 0.34 -13.13 -26.04
C ILE B 602 1.59 -14.00 -25.91
N SER B 603 2.44 -14.07 -26.94
CA SER B 603 3.84 -14.55 -26.79
C SER B 603 4.63 -13.45 -26.09
N MET B 604 5.14 -13.68 -24.87
CA MET B 604 5.81 -12.59 -24.10
C MET B 604 7.12 -12.25 -24.84
N ASP B 605 7.72 -13.28 -25.46
CA ASP B 605 8.85 -13.19 -26.41
C ASP B 605 8.30 -13.36 -27.84
#